data_1QZH
#
_entry.id   1QZH
#
_cell.length_a   131.614
_cell.length_b   76.329
_cell.length_c   140.130
_cell.angle_alpha   90.00
_cell.angle_beta   115.21
_cell.angle_gamma   90.00
#
_symmetry.space_group_name_H-M   'C 1 2 1'
#
loop_
_entity.id
_entity.type
_entity.pdbx_description
1 polymer 'telomeric single-stranded DNA'
2 polymer 'Protection of telomeres protein 1'
3 water water
#
loop_
_entity_poly.entity_id
_entity_poly.type
_entity_poly.pdbx_seq_one_letter_code
_entity_poly.pdbx_strand_id
1 'polydeoxyribonucleotide' (DG)(DG)(DT)(DT)(DA)(DC) G,H,I,J,K,L
2 'polypeptide(L)'
;GPGGEDVIDSLQLNELLNAGEYKIGELTFQSIRSSQELQKKNTIVNLFGIVKDFTPSRQSLHGTKDWVTTVYLWDPTCDT
SSIGLQIHLFSKQGNDLPVIKQVGQPLLLHQITLRSYRDRTQGLSKDQFRYALWPDFSSNSKDTLCPQPMPRLMKTGDKE
EQFALLLNKIWDEQTNKHKNGELLSTS
;
A,B,C,D,E,F
#
# COMPACT_ATOMS: atom_id res chain seq x y z
N VAL G 7 3.30 -10.67 3.48
CA VAL G 7 3.34 -11.19 2.08
C VAL G 7 3.73 -10.10 1.08
N ILE G 8 4.82 -9.39 1.39
CA ILE G 8 5.31 -8.32 0.51
C ILE G 8 6.57 -8.76 -0.21
N ASP G 9 6.73 -8.33 -1.46
CA ASP G 9 7.89 -8.68 -2.27
C ASP G 9 8.99 -7.61 -2.28
N SER G 10 9.97 -7.79 -3.18
CA SER G 10 11.10 -6.86 -3.28
C SER G 10 10.76 -5.45 -3.78
N LEU G 11 9.60 -5.27 -4.42
CA LEU G 11 9.24 -3.95 -4.91
C LEU G 11 8.56 -3.12 -3.82
N GLN G 12 7.77 -3.79 -2.97
CA GLN G 12 7.07 -3.11 -1.89
C GLN G 12 8.06 -2.62 -0.85
N LEU G 13 9.12 -3.39 -0.65
CA LEU G 13 10.15 -3.03 0.32
C LEU G 13 10.76 -1.69 -0.04
N ASN G 14 11.10 -1.50 -1.31
CA ASN G 14 11.69 -0.24 -1.74
C ASN G 14 10.68 0.89 -1.55
N GLU G 15 9.43 0.64 -1.92
CA GLU G 15 8.38 1.65 -1.77
C GLU G 15 8.37 2.24 -0.36
N LEU G 16 8.18 1.36 0.62
CA LEU G 16 8.13 1.74 2.03
C LEU G 16 9.36 2.55 2.44
N LEU G 17 10.52 1.90 2.43
CA LEU G 17 11.78 2.53 2.80
C LEU G 17 11.98 3.92 2.22
N ASN G 18 11.83 4.04 0.90
CA ASN G 18 12.00 5.32 0.23
C ASN G 18 11.02 6.39 0.69
N ALA G 19 10.33 6.15 1.80
CA ALA G 19 9.38 7.11 2.33
C ALA G 19 9.85 7.68 3.69
N GLY G 20 10.95 7.14 4.19
CA GLY G 20 11.47 7.59 5.47
C GLY G 20 10.89 6.70 6.54
N GLU G 21 9.64 6.98 6.93
CA GLU G 21 8.98 6.18 7.96
C GLU G 21 8.08 5.14 7.33
N TYR G 22 7.98 3.99 8.00
CA TYR G 22 7.16 2.91 7.51
C TYR G 22 6.78 1.97 8.66
N LYS G 23 5.64 1.29 8.51
CA LYS G 23 5.16 0.38 9.55
C LYS G 23 5.24 -1.08 9.16
N ILE G 24 5.48 -1.89 10.16
CA ILE G 24 5.54 -3.32 10.04
C ILE G 24 5.02 -3.81 11.37
N GLY G 25 3.93 -4.60 11.33
CA GLY G 25 3.35 -5.06 12.57
C GLY G 25 2.73 -3.86 13.28
N GLU G 26 3.04 -3.72 14.56
CA GLU G 26 2.51 -2.63 15.32
C GLU G 26 3.55 -1.55 15.60
N LEU G 27 4.66 -1.57 14.87
CA LEU G 27 5.74 -0.59 15.11
C LEU G 27 6.12 0.24 13.91
N THR G 28 6.36 1.53 14.13
CA THR G 28 6.81 2.39 13.05
C THR G 28 8.36 2.36 13.03
N PHE G 29 8.92 2.17 11.84
CA PHE G 29 10.36 2.11 11.68
C PHE G 29 10.92 3.25 10.86
N GLN G 30 12.19 3.56 11.13
CA GLN G 30 12.89 4.62 10.42
C GLN G 30 13.90 3.90 9.52
N SER G 31 13.95 4.26 8.24
CA SER G 31 14.92 3.63 7.32
C SER G 31 16.31 4.08 7.76
N ILE G 32 17.31 3.25 7.50
CA ILE G 32 18.68 3.62 7.87
C ILE G 32 19.03 4.99 7.31
N ARG G 33 18.72 5.20 6.03
CA ARG G 33 19.01 6.46 5.34
C ARG G 33 18.50 7.69 6.09
N SER G 34 17.19 7.77 6.26
CA SER G 34 16.59 8.91 6.95
C SER G 34 17.09 9.07 8.40
N SER G 35 17.57 8.00 8.99
CA SER G 35 18.08 8.07 10.35
C SER G 35 19.32 8.93 10.39
N GLN G 36 20.23 8.67 9.45
CA GLN G 36 21.48 9.40 9.37
C GLN G 36 21.30 10.86 8.99
N GLU G 37 20.05 11.29 8.80
CA GLU G 37 19.78 12.68 8.46
C GLU G 37 20.17 13.54 9.65
N LEU G 38 21.45 13.49 10.00
CA LEU G 38 22.01 14.24 11.13
C LEU G 38 21.07 15.26 11.76
N GLN G 39 20.37 14.83 12.82
CA GLN G 39 19.43 15.68 13.54
C GLN G 39 19.95 15.98 14.95
N LYS G 40 20.06 17.26 15.28
CA LYS G 40 20.56 17.68 16.60
C LYS G 40 19.67 17.13 17.72
N LYS G 41 18.35 17.28 17.56
CA LYS G 41 17.41 16.80 18.56
C LYS G 41 17.34 15.29 18.61
N ASN G 42 17.64 14.74 19.80
CA ASN G 42 17.64 13.31 20.03
C ASN G 42 16.25 12.67 20.02
N THR G 43 15.95 11.98 18.94
CA THR G 43 14.68 11.30 18.80
C THR G 43 14.89 9.82 19.03
N ILE G 44 13.87 9.14 19.46
CA ILE G 44 13.91 7.71 19.69
C ILE G 44 13.23 7.06 18.51
N VAL G 45 13.81 6.00 17.98
CA VAL G 45 13.25 5.31 16.84
C VAL G 45 13.37 3.79 16.96
N ASN G 46 12.78 3.07 16.01
CA ASN G 46 12.91 1.64 15.92
C ASN G 46 13.62 1.40 14.61
N LEU G 47 14.49 0.39 14.56
CA LEU G 47 15.22 0.10 13.34
C LEU G 47 15.06 -1.36 13.00
N PHE G 48 15.20 -1.65 11.72
CA PHE G 48 15.11 -2.97 11.18
C PHE G 48 16.14 -3.06 10.05
N GLY G 49 17.11 -3.96 10.16
CA GLY G 49 18.10 -4.05 9.10
C GLY G 49 19.03 -5.24 9.14
N ILE G 50 20.04 -5.23 8.28
CA ILE G 50 21.02 -6.31 8.24
C ILE G 50 22.29 -5.86 8.97
N VAL G 51 22.82 -6.75 9.81
CA VAL G 51 24.06 -6.50 10.55
C VAL G 51 25.21 -6.51 9.54
N LYS G 52 25.67 -5.33 9.17
CA LYS G 52 26.75 -5.22 8.22
C LYS G 52 28.08 -5.61 8.87
N ASP G 53 28.21 -5.28 10.14
CA ASP G 53 29.43 -5.56 10.88
C ASP G 53 29.15 -5.33 12.36
N PHE G 54 29.86 -6.04 13.23
CA PHE G 54 29.63 -5.90 14.66
C PHE G 54 30.88 -6.18 15.49
N THR G 55 30.82 -5.75 16.75
CA THR G 55 31.90 -5.97 17.71
C THR G 55 31.23 -6.72 18.85
N PRO G 56 31.84 -7.81 19.31
CA PRO G 56 31.35 -8.65 20.41
C PRO G 56 31.10 -7.88 21.71
N SER G 57 30.26 -8.44 22.57
CA SER G 57 29.95 -7.82 23.85
C SER G 57 31.20 -7.71 24.70
N ARG G 58 31.48 -6.50 25.19
CA ARG G 58 32.62 -6.25 26.06
C ARG G 58 32.16 -5.23 27.11
N GLN G 59 32.63 -5.39 28.35
CA GLN G 59 32.26 -4.43 29.39
C GLN G 59 33.11 -3.19 29.25
N SER G 60 32.49 -2.02 29.36
CA SER G 60 33.21 -0.77 29.27
C SER G 60 34.21 -0.67 30.41
N LEU G 61 35.31 0.01 30.15
CA LEU G 61 36.35 0.18 31.15
C LEU G 61 36.22 1.51 31.88
N HIS G 62 35.34 2.38 31.39
CA HIS G 62 35.14 3.68 32.00
C HIS G 62 33.67 4.02 32.17
N GLY G 63 33.40 5.21 32.68
CA GLY G 63 32.03 5.64 32.91
C GLY G 63 31.35 4.72 33.89
N THR G 64 30.08 4.43 33.60
CA THR G 64 29.29 3.53 34.43
C THR G 64 29.63 2.07 34.13
N LYS G 65 30.65 1.88 33.30
CA LYS G 65 31.14 0.55 32.94
C LYS G 65 30.09 -0.49 32.54
N ASP G 66 29.14 -0.09 31.70
CA ASP G 66 28.10 -1.00 31.25
C ASP G 66 28.62 -1.90 30.15
N TRP G 67 27.95 -3.04 29.95
CA TRP G 67 28.33 -3.95 28.88
C TRP G 67 27.92 -3.27 27.59
N VAL G 68 28.65 -3.54 26.53
CA VAL G 68 28.34 -2.90 25.27
C VAL G 68 28.74 -3.72 24.06
N THR G 69 27.79 -3.88 23.14
CA THR G 69 28.02 -4.60 21.91
C THR G 69 27.74 -3.55 20.81
N THR G 70 28.50 -3.58 19.73
CA THR G 70 28.31 -2.60 18.67
C THR G 70 27.91 -3.25 17.37
N VAL G 71 26.99 -2.63 16.66
CA VAL G 71 26.61 -3.16 15.37
C VAL G 71 26.53 -1.99 14.42
N TYR G 72 26.66 -2.29 13.12
CA TYR G 72 26.52 -1.31 12.05
C TYR G 72 25.34 -1.84 11.23
N LEU G 73 24.29 -1.04 11.12
CA LEU G 73 23.11 -1.50 10.39
C LEU G 73 23.02 -1.07 8.94
N TRP G 74 22.55 -1.99 8.12
CA TRP G 74 22.41 -1.73 6.69
C TRP G 74 21.00 -2.09 6.18
N ASP G 75 20.51 -1.31 5.22
CA ASP G 75 19.24 -1.60 4.57
C ASP G 75 19.32 -1.01 3.16
N PRO G 76 18.44 -1.45 2.24
CA PRO G 76 18.38 -1.00 0.84
C PRO G 76 18.67 0.48 0.58
N THR G 77 18.17 1.36 1.44
CA THR G 77 18.39 2.79 1.26
C THR G 77 19.85 3.22 1.38
N CYS G 78 20.74 2.25 1.57
CA CYS G 78 22.18 2.50 1.70
C CYS G 78 22.95 1.94 0.49
N ASP G 79 24.19 2.36 0.34
CA ASP G 79 25.02 1.84 -0.75
C ASP G 79 25.61 0.54 -0.22
N THR G 80 25.61 -0.52 -1.04
CA THR G 80 26.15 -1.81 -0.62
C THR G 80 27.63 -1.64 -0.23
N SER G 81 28.11 -0.41 -0.37
CA SER G 81 29.49 -0.04 -0.03
C SER G 81 29.56 0.59 1.36
N SER G 82 28.65 1.52 1.65
CA SER G 82 28.59 2.21 2.95
C SER G 82 28.63 1.18 4.08
N ILE G 83 29.14 1.58 5.25
CA ILE G 83 29.23 0.66 6.39
C ILE G 83 27.93 0.55 7.17
N GLY G 84 27.08 1.57 7.05
CA GLY G 84 25.81 1.55 7.73
C GLY G 84 25.74 2.50 8.90
N LEU G 85 24.69 2.38 9.70
CA LEU G 85 24.52 3.23 10.87
C LEU G 85 25.17 2.55 12.06
N GLN G 86 25.98 3.31 12.80
CA GLN G 86 26.66 2.77 13.97
C GLN G 86 25.71 2.78 15.16
N ILE G 87 25.64 1.68 15.90
CA ILE G 87 24.76 1.64 17.06
C ILE G 87 25.39 0.94 18.23
N HIS G 88 25.53 1.64 19.34
CA HIS G 88 26.08 1.02 20.54
C HIS G 88 24.92 0.57 21.45
N LEU G 89 24.86 -0.72 21.72
CA LEU G 89 23.82 -1.29 22.59
C LEU G 89 24.40 -1.53 23.98
N PHE G 90 23.86 -0.82 24.96
CA PHE G 90 24.34 -0.93 26.32
C PHE G 90 23.41 -1.72 27.22
N SER G 91 23.99 -2.35 28.23
CA SER G 91 23.18 -3.10 29.16
C SER G 91 23.72 -2.93 30.58
N LYS G 92 22.92 -2.27 31.40
CA LYS G 92 23.23 -2.01 32.81
C LYS G 92 22.85 -3.21 33.64
N GLN G 93 21.90 -4.01 33.13
CA GLN G 93 21.41 -5.21 33.81
C GLN G 93 22.11 -6.53 33.43
N GLY G 94 23.42 -6.48 33.19
CA GLY G 94 24.18 -7.66 32.82
C GLY G 94 24.22 -7.84 31.32
N ASN G 95 24.71 -8.98 30.85
CA ASN G 95 24.78 -9.25 29.42
C ASN G 95 23.59 -10.07 28.91
N ASP G 96 22.57 -9.34 28.48
CA ASP G 96 21.34 -9.89 27.94
C ASP G 96 21.21 -9.24 26.57
N LEU G 97 22.37 -8.90 25.99
CA LEU G 97 22.46 -8.25 24.69
C LEU G 97 22.42 -9.27 23.55
N PRO G 98 22.13 -8.79 22.33
CA PRO G 98 22.07 -9.66 21.15
C PRO G 98 23.35 -10.47 20.96
N VAL G 99 23.20 -11.78 20.81
CA VAL G 99 24.33 -12.66 20.57
C VAL G 99 24.40 -12.90 19.06
N ILE G 100 25.17 -12.07 18.36
CA ILE G 100 25.34 -12.14 16.91
C ILE G 100 26.46 -13.09 16.46
N LYS G 101 26.15 -14.03 15.58
CA LYS G 101 27.14 -15.00 15.11
C LYS G 101 27.93 -14.57 13.86
N GLN G 102 27.24 -13.97 12.90
CA GLN G 102 27.91 -13.57 11.66
C GLN G 102 27.22 -12.42 10.95
N VAL G 103 27.99 -11.71 10.12
CA VAL G 103 27.42 -10.61 9.35
C VAL G 103 26.33 -11.18 8.44
N GLY G 104 25.30 -10.39 8.15
CA GLY G 104 24.23 -10.85 7.28
C GLY G 104 22.92 -11.07 7.99
N GLN G 105 22.98 -11.30 9.30
CA GLN G 105 21.79 -11.53 10.11
C GLN G 105 20.91 -10.30 10.25
N PRO G 106 19.57 -10.47 10.06
CA PRO G 106 18.58 -9.39 10.16
C PRO G 106 18.36 -9.08 11.64
N LEU G 107 18.28 -7.79 11.96
CA LEU G 107 18.10 -7.40 13.35
C LEU G 107 17.07 -6.29 13.46
N LEU G 108 16.14 -6.47 14.39
CA LEU G 108 15.10 -5.46 14.63
C LEU G 108 15.42 -4.84 15.99
N LEU G 109 15.47 -3.53 16.07
CA LEU G 109 15.79 -2.89 17.33
C LEU G 109 14.68 -1.97 17.78
N HIS G 110 14.30 -2.12 19.05
CA HIS G 110 13.25 -1.30 19.59
C HIS G 110 13.70 -0.34 20.70
N GLN G 111 13.67 0.95 20.37
CA GLN G 111 14.00 2.04 21.28
C GLN G 111 15.49 2.40 21.23
N ILE G 112 15.83 3.16 20.19
CA ILE G 112 17.19 3.61 19.89
C ILE G 112 17.27 5.14 19.78
N THR G 113 18.14 5.73 20.58
CA THR G 113 18.32 7.18 20.52
C THR G 113 19.26 7.52 19.36
N LEU G 114 18.82 8.42 18.49
CA LEU G 114 19.62 8.87 17.37
C LEU G 114 20.36 10.15 17.79
N ARG G 115 21.68 10.19 17.61
CA ARG G 115 22.43 11.39 17.97
C ARG G 115 23.76 11.60 17.20
N SER G 116 24.34 12.78 17.37
CA SER G 116 25.57 13.11 16.66
C SER G 116 26.89 12.86 17.42
N TYR G 117 27.87 12.34 16.70
CA TYR G 117 29.20 12.09 17.23
C TYR G 117 30.19 12.46 16.12
N ARG G 118 31.10 13.45 16.30
CA ARG G 118 32.01 13.79 15.17
C ARG G 118 31.12 13.77 13.94
N ASP G 119 30.81 14.96 13.35
CA ASP G 119 29.73 15.10 12.37
C ASP G 119 29.35 13.84 11.57
N ARG G 120 28.50 13.08 12.24
CA ARG G 120 27.91 11.86 11.79
C ARG G 120 26.69 11.52 12.68
N THR G 121 25.87 10.56 12.26
CA THR G 121 24.73 10.16 13.12
C THR G 121 25.11 8.86 13.76
N GLN G 122 24.73 8.73 15.03
CA GLN G 122 25.00 7.54 15.83
C GLN G 122 23.78 7.08 16.65
N GLY G 123 23.68 5.78 16.88
CA GLY G 123 22.57 5.26 17.65
C GLY G 123 22.97 4.74 19.01
N LEU G 124 22.30 5.23 20.04
CA LEU G 124 22.55 4.78 21.41
C LEU G 124 21.29 4.09 21.97
N SER G 125 21.44 2.87 22.47
CA SER G 125 20.30 2.14 23.01
C SER G 125 19.72 2.66 24.33
N LYS G 126 18.38 2.77 24.37
CA LYS G 126 17.69 3.20 25.60
C LYS G 126 17.89 2.10 26.61
N ASP G 127 17.77 2.38 27.90
CA ASP G 127 17.94 1.33 28.92
C ASP G 127 17.05 0.09 28.68
N GLN G 128 15.76 0.33 28.39
CA GLN G 128 14.80 -0.73 28.18
C GLN G 128 14.65 -1.18 26.71
N PHE G 129 15.70 -1.07 25.90
CA PHE G 129 15.57 -1.46 24.50
C PHE G 129 15.29 -2.94 24.37
N ARG G 130 14.57 -3.32 23.32
CA ARG G 130 14.27 -4.73 23.08
C ARG G 130 14.69 -5.01 21.64
N TYR G 131 14.81 -6.29 21.26
CA TYR G 131 15.26 -6.59 19.89
C TYR G 131 14.85 -7.99 19.46
N ALA G 132 14.97 -8.26 18.16
CA ALA G 132 14.72 -9.56 17.58
C ALA G 132 15.84 -9.78 16.56
N LEU G 133 16.38 -10.99 16.55
CA LEU G 133 17.47 -11.37 15.65
C LEU G 133 17.07 -12.60 14.82
N TRP G 134 17.40 -12.60 13.54
CA TRP G 134 17.09 -13.74 12.68
C TRP G 134 18.35 -14.42 12.18
N PRO G 135 18.21 -15.63 11.58
CA PRO G 135 19.37 -16.35 11.06
C PRO G 135 19.80 -15.70 9.75
N ASP G 136 21.02 -16.00 9.31
CA ASP G 136 21.47 -15.47 8.04
C ASP G 136 20.97 -16.46 7.00
N PHE G 137 19.71 -16.29 6.60
CA PHE G 137 19.07 -17.14 5.62
C PHE G 137 19.92 -17.59 4.43
N SER G 138 20.67 -16.66 3.85
CA SER G 138 21.50 -16.96 2.67
C SER G 138 22.81 -17.69 2.99
N SER G 139 22.81 -18.51 4.02
CA SER G 139 24.01 -19.24 4.41
C SER G 139 23.85 -20.74 4.25
N ASN G 140 24.96 -21.43 4.00
CA ASN G 140 24.94 -22.89 3.85
C ASN G 140 24.70 -23.52 5.21
N SER G 141 24.77 -22.68 6.24
CA SER G 141 24.56 -23.12 7.61
C SER G 141 23.10 -22.88 8.00
N LYS G 142 22.56 -23.75 8.85
CA LYS G 142 21.17 -23.60 9.27
C LYS G 142 21.07 -23.22 10.75
N ASP G 143 22.21 -23.25 11.45
CA ASP G 143 22.24 -22.91 12.87
C ASP G 143 22.95 -21.57 13.09
N THR G 144 22.88 -20.69 12.09
CA THR G 144 23.52 -19.38 12.18
C THR G 144 22.99 -18.55 13.35
N LEU G 145 21.79 -18.90 13.80
CA LEU G 145 21.17 -18.20 14.93
C LEU G 145 21.27 -19.06 16.17
N CYS G 146 21.95 -18.56 17.18
CA CYS G 146 22.08 -19.30 18.42
C CYS G 146 21.05 -18.78 19.40
N PRO G 147 20.78 -19.55 20.44
CA PRO G 147 19.79 -19.13 21.44
C PRO G 147 20.12 -17.75 21.99
N GLN G 148 19.09 -16.94 22.14
CA GLN G 148 19.23 -15.58 22.62
C GLN G 148 18.81 -15.40 24.07
N PRO G 149 19.38 -14.40 24.77
CA PRO G 149 19.01 -14.15 26.16
C PRO G 149 17.54 -13.67 26.10
N MET G 150 16.70 -14.07 27.06
CA MET G 150 15.26 -13.74 27.05
C MET G 150 14.85 -12.31 27.41
N PRO G 151 15.44 -11.70 28.44
CA PRO G 151 15.03 -10.39 28.97
C PRO G 151 14.58 -9.35 27.94
N ARG G 152 15.34 -9.13 26.88
CA ARG G 152 15.00 -8.11 25.88
C ARG G 152 14.42 -8.69 24.58
N LEU G 153 14.22 -9.99 24.55
CA LEU G 153 13.73 -10.70 23.34
C LEU G 153 12.23 -10.45 22.97
N MET G 154 11.99 -10.01 21.73
CA MET G 154 10.64 -9.75 21.30
C MET G 154 10.06 -10.95 20.59
N LYS G 155 8.78 -11.21 20.80
CA LYS G 155 8.13 -12.24 20.04
C LYS G 155 7.72 -11.59 18.72
N THR G 156 8.06 -12.23 17.62
CA THR G 156 7.72 -11.66 16.31
C THR G 156 6.76 -12.56 15.50
N GLY G 157 6.10 -11.96 14.52
CA GLY G 157 5.15 -12.68 13.70
C GLY G 157 5.62 -12.87 12.27
N ASP G 158 4.70 -13.25 11.39
CA ASP G 158 5.04 -13.49 9.99
C ASP G 158 5.27 -12.22 9.21
N LYS G 159 4.68 -11.12 9.67
CA LYS G 159 4.89 -9.85 8.99
C LYS G 159 6.41 -9.52 9.04
N GLU G 160 6.98 -9.41 10.24
CA GLU G 160 8.41 -9.11 10.33
C GLU G 160 9.31 -10.23 9.79
N GLU G 161 8.84 -11.47 9.85
CA GLU G 161 9.59 -12.63 9.34
C GLU G 161 9.79 -12.49 7.84
N GLN G 162 8.76 -11.93 7.18
CA GLN G 162 8.79 -11.72 5.75
C GLN G 162 9.77 -10.62 5.44
N PHE G 163 9.69 -9.52 6.19
CA PHE G 163 10.57 -8.39 6.00
C PHE G 163 12.03 -8.79 6.26
N ALA G 164 12.23 -9.76 7.13
CA ALA G 164 13.57 -10.21 7.45
C ALA G 164 14.11 -11.04 6.28
N LEU G 165 13.25 -11.80 5.64
CA LEU G 165 13.65 -12.63 4.51
C LEU G 165 14.02 -11.68 3.37
N LEU G 166 13.11 -10.75 3.10
CA LEU G 166 13.37 -9.77 2.05
C LEU G 166 14.73 -9.10 2.24
N LEU G 167 14.92 -8.47 3.40
CA LEU G 167 16.17 -7.76 3.70
C LEU G 167 17.42 -8.62 3.49
N ASN G 168 17.42 -9.83 4.03
CA ASN G 168 18.55 -10.71 3.88
C ASN G 168 18.72 -11.16 2.44
N LYS G 169 17.62 -11.25 1.71
CA LYS G 169 17.69 -11.64 0.30
C LYS G 169 18.35 -10.53 -0.52
N ILE G 170 17.83 -9.31 -0.37
CA ILE G 170 18.34 -8.15 -1.09
C ILE G 170 19.79 -7.85 -0.73
N TRP G 171 20.16 -8.15 0.49
CA TRP G 171 21.51 -7.94 0.96
C TRP G 171 22.43 -8.94 0.27
N ASP G 172 21.99 -10.20 0.25
CA ASP G 172 22.75 -11.29 -0.38
C ASP G 172 23.06 -11.02 -1.84
N GLU G 173 22.07 -10.55 -2.59
CA GLU G 173 22.26 -10.26 -4.00
C GLU G 173 23.30 -9.17 -4.20
N GLN G 174 23.13 -8.05 -3.50
CA GLN G 174 24.07 -6.94 -3.62
C GLN G 174 25.48 -7.18 -3.07
N THR G 175 25.80 -8.42 -2.74
CA THR G 175 27.15 -8.74 -2.23
C THR G 175 27.58 -10.15 -2.62
N ASN G 176 26.94 -10.71 -3.64
CA ASN G 176 27.28 -12.06 -4.12
C ASN G 176 28.28 -11.93 -5.27
N VAL H 7 5.35 -11.87 33.86
CA VAL H 7 5.42 -12.46 35.24
C VAL H 7 5.01 -11.43 36.31
N ILE H 8 3.95 -10.68 36.02
CA ILE H 8 3.46 -9.66 36.95
C ILE H 8 2.15 -10.10 37.62
N ASP H 9 2.01 -9.80 38.91
CA ASP H 9 0.82 -10.16 39.68
C ASP H 9 -0.24 -9.06 39.71
N SER H 10 -1.24 -9.23 40.58
CA SER H 10 -2.34 -8.28 40.70
C SER H 10 -1.98 -6.92 41.31
N LEU H 11 -0.84 -6.84 41.99
CA LEU H 11 -0.43 -5.57 42.60
C LEU H 11 0.31 -4.69 41.59
N GLN H 12 1.11 -5.31 40.74
CA GLN H 12 1.84 -4.55 39.72
C GLN H 12 0.86 -3.94 38.73
N LEU H 13 -0.19 -4.70 38.40
CA LEU H 13 -1.20 -4.26 37.46
C LEU H 13 -1.79 -2.92 37.85
N ASN H 14 -2.16 -2.80 39.13
CA ASN H 14 -2.71 -1.56 39.63
C ASN H 14 -1.65 -0.47 39.59
N GLU H 15 -0.41 -0.84 39.87
CA GLU H 15 0.72 0.11 39.85
C GLU H 15 0.75 0.83 38.51
N LEU H 16 0.90 0.04 37.45
CA LEU H 16 0.98 0.54 36.09
C LEU H 16 -0.21 1.42 35.75
N LEU H 17 -1.39 0.79 35.71
CA LEU H 17 -2.63 1.50 35.38
C LEU H 17 -2.79 2.85 36.04
N ASN H 18 -2.58 2.89 37.35
CA ASN H 18 -2.72 4.12 38.11
C ASN H 18 -1.71 5.22 37.74
N ALA H 19 -1.01 5.02 36.63
CA ALA H 19 -0.05 6.00 36.16
C ALA H 19 -0.50 6.63 34.85
N GLY H 20 -1.61 6.15 34.29
CA GLY H 20 -2.10 6.68 33.03
C GLY H 20 -1.54 5.86 31.88
N GLU H 21 -0.28 6.12 31.52
CA GLU H 21 0.40 5.37 30.46
C GLU H 21 1.24 4.25 31.03
N TYR H 22 1.40 3.20 30.24
CA TYR H 22 2.19 2.06 30.68
C TYR H 22 2.59 1.26 29.46
N LYS H 23 3.70 0.51 29.55
CA LYS H 23 4.22 -0.29 28.42
C LYS H 23 4.01 -1.80 28.64
N ILE H 24 3.73 -2.52 27.59
CA ILE H 24 3.66 -3.97 27.70
C ILE H 24 4.26 -4.46 26.42
N GLY H 25 5.33 -5.24 26.49
CA GLY H 25 5.96 -5.67 25.25
C GLY H 25 6.57 -4.42 24.64
N GLU H 26 6.32 -4.22 23.34
CA GLU H 26 6.88 -3.06 22.66
C GLU H 26 5.88 -1.94 22.44
N LEU H 27 4.70 -2.04 23.05
CA LEU H 27 3.68 -1.01 22.86
C LEU H 27 3.32 -0.29 24.15
N THR H 28 3.05 1.01 24.03
CA THR H 28 2.64 1.85 25.15
C THR H 28 1.09 1.91 25.16
N PHE H 29 0.47 1.66 26.31
CA PHE H 29 -1.00 1.68 26.46
C PHE H 29 -1.55 2.77 27.38
N GLN H 30 -2.77 3.20 27.08
CA GLN H 30 -3.47 4.22 27.87
C GLN H 30 -4.55 3.47 28.66
N SER H 31 -4.59 3.66 29.97
CA SER H 31 -5.60 2.99 30.78
C SER H 31 -6.97 3.51 30.34
N ILE H 32 -8.02 2.75 30.65
CA ILE H 32 -9.37 3.12 30.23
C ILE H 32 -9.78 4.44 30.83
N ARG H 33 -9.51 4.58 32.12
CA ARG H 33 -9.84 5.76 32.91
C ARG H 33 -9.25 7.04 32.34
N SER H 34 -7.95 7.06 32.10
CA SER H 34 -7.30 8.25 31.56
C SER H 34 -7.76 8.53 30.13
N SER H 35 -8.19 7.50 29.42
CA SER H 35 -8.63 7.69 28.05
C SER H 35 -9.86 8.58 28.01
N GLN H 36 -10.77 8.34 28.95
CA GLN H 36 -11.99 9.14 29.01
C GLN H 36 -11.75 10.55 29.47
N GLU H 37 -10.55 10.85 29.99
CA GLU H 37 -10.32 12.20 30.38
C GLU H 37 -10.80 13.05 29.19
N LEU H 38 -10.64 14.35 29.22
CA LEU H 38 -11.06 15.04 28.04
C LEU H 38 -9.82 15.35 27.24
N GLN H 39 -9.77 14.92 26.01
CA GLN H 39 -8.62 15.31 25.24
C GLN H 39 -9.08 15.66 23.86
N LYS H 40 -9.81 16.78 23.81
CA LYS H 40 -10.32 17.30 22.55
C LYS H 40 -9.26 17.06 21.46
N LYS H 41 -8.01 16.98 21.93
CA LYS H 41 -6.90 16.70 21.06
C LYS H 41 -7.13 15.32 20.38
N ASN H 42 -6.75 15.15 19.09
CA ASN H 42 -6.98 13.82 18.51
C ASN H 42 -5.76 12.97 18.69
N THR H 43 -5.81 12.30 19.84
CA THR H 43 -4.87 11.34 20.36
C THR H 43 -5.20 9.95 19.83
N ILE H 44 -4.19 9.31 19.32
CA ILE H 44 -4.27 7.96 18.84
C ILE H 44 -3.63 7.10 19.90
N VAL H 45 -4.33 6.14 20.41
CA VAL H 45 -3.76 5.33 21.47
C VAL H 45 -3.88 3.83 21.20
N ASN H 46 -3.36 3.09 22.17
CA ASN H 46 -3.41 1.64 22.21
C ASN H 46 -4.20 1.34 23.46
N LEU H 47 -5.07 0.33 23.42
CA LEU H 47 -5.86 -0.01 24.61
C LEU H 47 -5.80 -1.51 24.89
N PHE H 48 -6.01 -1.90 26.13
CA PHE H 48 -5.96 -3.30 26.50
C PHE H 48 -6.97 -3.42 27.65
N GLY H 49 -8.05 -4.17 27.42
CA GLY H 49 -9.06 -4.32 28.45
C GLY H 49 -9.95 -5.54 28.31
N ILE H 50 -10.99 -5.58 29.12
CA ILE H 50 -11.96 -6.68 29.10
C ILE H 50 -13.18 -6.21 28.32
N VAL H 51 -13.70 -7.04 27.43
CA VAL H 51 -14.91 -6.63 26.70
C VAL H 51 -16.09 -6.68 27.68
N LYS H 52 -16.53 -5.49 28.13
CA LYS H 52 -17.63 -5.33 29.07
C LYS H 52 -18.99 -5.60 28.40
N ASP H 53 -19.10 -5.21 27.13
CA ASP H 53 -20.32 -5.36 26.37
C ASP H 53 -20.02 -5.08 24.90
N PHE H 54 -20.82 -5.63 24.00
CA PHE H 54 -20.53 -5.42 22.58
C PHE H 54 -21.73 -5.56 21.68
N THR H 55 -21.54 -5.14 20.43
CA THR H 55 -22.53 -5.20 19.38
C THR H 55 -21.95 -5.89 18.15
N PRO H 56 -22.58 -6.99 17.70
CA PRO H 56 -22.08 -7.76 16.54
C PRO H 56 -21.83 -6.88 15.32
N SER H 57 -21.05 -7.39 14.39
CA SER H 57 -20.77 -6.66 13.19
C SER H 57 -22.03 -6.39 12.38
N ARG H 58 -22.26 -5.12 12.06
CA ARG H 58 -23.39 -4.72 11.23
C ARG H 58 -22.88 -3.65 10.25
N GLN H 59 -23.10 -3.84 8.96
CA GLN H 59 -22.65 -2.84 7.98
C GLN H 59 -23.48 -1.57 8.21
N SER H 60 -22.82 -0.41 8.08
CA SER H 60 -23.50 0.87 8.27
C SER H 60 -24.48 1.10 7.13
N LEU H 61 -25.58 1.79 7.43
CA LEU H 61 -26.61 2.06 6.43
C LEU H 61 -26.42 3.43 5.78
N HIS H 62 -25.48 4.20 6.29
CA HIS H 62 -25.22 5.53 5.75
C HIS H 62 -23.72 5.83 5.65
N GLY H 63 -23.41 7.05 5.24
CA GLY H 63 -22.03 7.46 5.09
C GLY H 63 -21.28 6.59 4.10
N THR H 64 -20.04 6.27 4.41
CA THR H 64 -19.25 5.44 3.51
C THR H 64 -19.65 3.97 3.65
N LYS H 65 -20.68 3.74 4.46
CA LYS H 65 -21.25 2.40 4.70
C LYS H 65 -20.25 1.30 5.02
N ASP H 66 -19.43 1.52 6.05
CA ASP H 66 -18.44 0.52 6.43
C ASP H 66 -18.97 -0.44 7.47
N TRP H 67 -18.35 -1.60 7.57
CA TRP H 67 -18.70 -2.55 8.59
C TRP H 67 -18.34 -1.96 9.94
N VAL H 68 -19.16 -2.24 10.97
CA VAL H 68 -18.85 -1.72 12.27
C VAL H 68 -19.30 -2.61 13.42
N THR H 69 -18.38 -2.86 14.33
CA THR H 69 -18.61 -3.62 15.55
C THR H 69 -18.35 -2.67 16.69
N THR H 70 -19.15 -2.68 17.76
CA THR H 70 -18.94 -1.76 18.86
C THR H 70 -18.64 -2.49 20.15
N VAL H 71 -17.67 -1.99 20.89
CA VAL H 71 -17.32 -2.61 22.17
C VAL H 71 -17.18 -1.58 23.25
N TYR H 72 -17.38 -2.03 24.48
CA TYR H 72 -17.23 -1.23 25.68
C TYR H 72 -16.08 -1.86 26.43
N LEU H 73 -14.99 -1.15 26.56
CA LEU H 73 -13.79 -1.64 27.22
C LEU H 73 -13.67 -1.25 28.67
N TRP H 74 -13.36 -2.27 29.49
CA TRP H 74 -13.24 -2.06 30.92
C TRP H 74 -11.86 -2.45 31.46
N ASP H 75 -11.43 -1.78 32.51
CA ASP H 75 -10.20 -2.19 33.19
C ASP H 75 -10.33 -1.81 34.66
N PRO H 76 -9.39 -2.27 35.49
CA PRO H 76 -9.44 -1.96 36.93
C PRO H 76 -9.64 -0.49 37.31
N THR H 77 -9.19 0.44 36.45
CA THR H 77 -9.29 1.86 36.76
C THR H 77 -10.72 2.35 36.61
N CYS H 78 -11.63 1.44 36.34
CA CYS H 78 -13.02 1.79 36.21
C CYS H 78 -13.77 1.29 37.43
N ASP H 79 -15.05 1.59 37.48
CA ASP H 79 -15.88 1.04 38.55
C ASP H 79 -16.52 -0.19 37.97
N THR H 80 -16.50 -1.33 38.67
CA THR H 80 -17.13 -2.54 38.16
C THR H 80 -18.57 -2.23 37.73
N SER H 81 -18.94 -0.96 37.89
CA SER H 81 -20.26 -0.48 37.53
C SER H 81 -20.24 0.24 36.18
N SER H 82 -19.39 1.27 36.05
CA SER H 82 -19.26 2.05 34.82
C SER H 82 -19.37 1.12 33.60
N ILE H 83 -19.94 1.61 32.51
CA ILE H 83 -20.12 0.78 31.33
C ILE H 83 -18.82 0.57 30.58
N GLY H 84 -17.89 1.50 30.81
CA GLY H 84 -16.62 1.37 30.13
C GLY H 84 -16.47 2.35 28.98
N LEU H 85 -15.36 2.23 28.25
CA LEU H 85 -15.10 3.12 27.13
C LEU H 85 -15.72 2.54 25.88
N GLN H 86 -16.52 3.34 25.18
CA GLN H 86 -17.18 2.90 23.95
C GLN H 86 -16.24 3.01 22.75
N ILE H 87 -16.16 1.95 21.95
CA ILE H 87 -15.28 1.98 20.79
C ILE H 87 -15.96 1.40 19.55
N HIS H 88 -15.96 2.19 18.49
CA HIS H 88 -16.53 1.77 17.22
C HIS H 88 -15.39 1.36 16.31
N LEU H 89 -15.33 0.08 16.00
CA LEU H 89 -14.33 -0.48 15.12
C LEU H 89 -14.89 -0.55 13.72
N PHE H 90 -14.27 0.17 12.78
CA PHE H 90 -14.73 0.16 11.40
C PHE H 90 -13.86 -0.65 10.44
N SER H 91 -14.40 -0.97 9.26
CA SER H 91 -13.64 -1.72 8.28
C SER H 91 -14.32 -1.83 6.92
N LYS H 92 -13.53 -1.85 5.86
CA LYS H 92 -14.07 -1.93 4.51
C LYS H 92 -14.47 -3.35 4.32
N GLN H 93 -13.52 -4.24 4.56
CA GLN H 93 -13.81 -5.66 4.44
C GLN H 93 -14.91 -6.03 5.40
N GLY H 94 -14.78 -5.66 6.66
CA GLY H 94 -15.81 -5.96 7.65
C GLY H 94 -15.83 -7.43 8.01
N ASN H 95 -15.31 -8.21 7.10
CA ASN H 95 -15.16 -9.62 7.22
C ASN H 95 -13.87 -9.85 7.98
N ASP H 96 -13.27 -8.73 8.41
CA ASP H 96 -12.00 -8.81 9.17
C ASP H 96 -12.01 -8.15 10.57
N LEU H 97 -13.18 -7.83 11.08
CA LEU H 97 -13.29 -7.28 12.42
C LEU H 97 -13.17 -8.41 13.45
N PRO H 98 -12.92 -8.05 14.73
CA PRO H 98 -12.80 -9.02 15.82
C PRO H 98 -14.08 -9.85 15.93
N VAL H 99 -13.97 -11.16 16.15
CA VAL H 99 -15.15 -12.00 16.30
C VAL H 99 -15.23 -12.40 17.76
N ILE H 100 -15.99 -11.61 18.51
CA ILE H 100 -16.26 -11.77 19.94
C ILE H 100 -17.45 -12.69 20.26
N LYS H 101 -17.22 -13.65 21.14
CA LYS H 101 -18.24 -14.58 21.51
C LYS H 101 -18.98 -14.18 22.76
N GLN H 102 -18.27 -13.70 23.77
CA GLN H 102 -18.91 -13.31 25.03
C GLN H 102 -18.21 -12.21 25.81
N VAL H 103 -18.95 -11.61 26.73
CA VAL H 103 -18.44 -10.57 27.61
C VAL H 103 -17.37 -11.26 28.45
N GLY H 104 -16.35 -10.52 28.89
CA GLY H 104 -15.32 -11.14 29.70
C GLY H 104 -14.02 -11.40 28.95
N GLN H 105 -14.06 -11.35 27.63
CA GLN H 105 -12.87 -11.59 26.83
C GLN H 105 -11.92 -10.38 26.79
N PRO H 106 -10.64 -10.62 27.07
CA PRO H 106 -9.62 -9.58 27.04
C PRO H 106 -9.38 -9.23 25.56
N LEU H 107 -9.29 -7.94 25.28
CA LEU H 107 -9.06 -7.45 23.92
C LEU H 107 -7.93 -6.40 23.93
N LEU H 108 -6.98 -6.53 23.00
CA LEU H 108 -5.89 -5.56 22.92
C LEU H 108 -6.11 -4.84 21.60
N LEU H 109 -6.25 -3.51 21.64
CA LEU H 109 -6.48 -2.70 20.45
C LEU H 109 -5.32 -1.77 20.10
N HIS H 110 -4.94 -1.78 18.83
CA HIS H 110 -3.82 -0.97 18.36
C HIS H 110 -4.26 0.07 17.34
N GLN H 111 -4.09 1.34 17.71
CA GLN H 111 -4.42 2.51 16.88
C GLN H 111 -5.90 2.88 16.96
N ILE H 112 -6.27 3.51 18.06
CA ILE H 112 -7.64 3.94 18.28
C ILE H 112 -7.64 5.45 18.49
N THR H 113 -8.47 6.16 17.75
CA THR H 113 -8.57 7.60 17.92
C THR H 113 -9.58 7.84 19.03
N LEU H 114 -9.21 8.64 20.01
CA LEU H 114 -10.06 9.00 21.13
C LEU H 114 -10.69 10.35 20.79
N ARG H 115 -12.01 10.47 20.88
CA ARG H 115 -12.63 11.74 20.60
C ARG H 115 -13.95 11.93 21.34
N SER H 116 -14.51 13.14 21.27
CA SER H 116 -15.73 13.50 22.00
C SER H 116 -17.03 13.43 21.19
N TYR H 117 -18.06 12.88 21.84
CA TYR H 117 -19.39 12.75 21.26
C TYR H 117 -20.38 13.03 22.38
N ARG H 118 -21.16 14.10 22.24
CA ARG H 118 -22.14 14.50 23.28
C ARG H 118 -21.45 14.44 24.65
N ASP H 119 -20.57 15.39 25.00
CA ASP H 119 -19.79 15.30 26.24
C ASP H 119 -19.80 13.86 26.75
N ARG H 120 -18.65 13.22 26.48
CA ARG H 120 -18.26 11.84 26.80
C ARG H 120 -17.20 11.42 25.76
N THR H 121 -16.18 10.69 26.19
CA THR H 121 -15.09 10.25 25.29
C THR H 121 -15.45 8.98 24.54
N GLN H 122 -15.05 8.95 23.28
CA GLN H 122 -15.34 7.84 22.39
C GLN H 122 -14.12 7.40 21.57
N GLY H 123 -14.00 6.09 21.36
CA GLY H 123 -12.93 5.55 20.54
C GLY H 123 -13.35 5.17 19.12
N LEU H 124 -12.62 5.66 18.12
CA LEU H 124 -12.87 5.38 16.70
C LEU H 124 -11.61 4.72 16.17
N SER H 125 -11.77 3.58 15.52
CA SER H 125 -10.63 2.85 15.02
C SER H 125 -10.05 3.52 13.76
N LYS H 126 -8.71 3.50 13.71
CA LYS H 126 -7.97 3.97 12.55
C LYS H 126 -8.17 2.94 11.45
N ASP H 127 -8.08 3.34 10.21
CA ASP H 127 -8.28 2.41 9.10
C ASP H 127 -7.43 1.14 9.24
N GLN H 128 -6.23 1.29 9.75
CA GLN H 128 -5.31 0.17 9.87
C GLN H 128 -5.21 -0.47 11.24
N PHE H 129 -6.13 -0.16 12.13
CA PHE H 129 -6.09 -0.74 13.47
C PHE H 129 -5.87 -2.26 13.44
N ARG H 130 -5.25 -2.76 14.50
CA ARG H 130 -4.95 -4.17 14.62
C ARG H 130 -5.36 -4.60 16.02
N TYR H 131 -5.36 -5.90 16.31
CA TYR H 131 -5.87 -6.31 17.61
C TYR H 131 -5.55 -7.72 17.96
N ALA H 132 -5.79 -8.07 19.22
CA ALA H 132 -5.61 -9.45 19.73
C ALA H 132 -6.79 -9.74 20.68
N LEU H 133 -7.31 -10.96 20.63
CA LEU H 133 -8.44 -11.33 21.48
C LEU H 133 -8.09 -12.63 22.20
N TRP H 134 -8.42 -12.71 23.47
CA TRP H 134 -8.15 -13.92 24.23
C TRP H 134 -9.46 -14.57 24.64
N PRO H 135 -9.40 -15.80 25.18
CA PRO H 135 -10.62 -16.49 25.60
C PRO H 135 -11.05 -15.91 26.95
N ASP H 136 -12.31 -16.11 27.34
CA ASP H 136 -12.74 -15.65 28.66
C ASP H 136 -12.30 -16.74 29.64
N PHE H 137 -11.03 -16.67 30.07
CA PHE H 137 -10.43 -17.65 30.97
C PHE H 137 -11.27 -18.17 32.14
N SER H 138 -12.02 -17.28 32.78
CA SER H 138 -12.86 -17.63 33.94
C SER H 138 -14.22 -18.29 33.58
N SER H 139 -14.26 -19.01 32.47
CA SER H 139 -15.49 -19.65 32.03
C SER H 139 -15.37 -21.16 32.09
N ASN H 140 -16.51 -21.85 32.21
CA ASN H 140 -16.53 -23.31 32.27
C ASN H 140 -16.23 -23.87 30.88
N SER H 141 -16.32 -23.00 29.88
CA SER H 141 -16.07 -23.36 28.48
C SER H 141 -14.60 -23.09 28.16
N LYS H 142 -14.06 -23.87 27.24
CA LYS H 142 -12.67 -23.70 26.85
C LYS H 142 -12.56 -23.26 25.40
N ASP H 143 -13.69 -23.19 24.70
CA ASP H 143 -13.70 -22.75 23.32
C ASP H 143 -14.40 -21.42 23.19
N THR H 144 -14.28 -20.59 24.22
CA THR H 144 -14.89 -19.26 24.23
C THR H 144 -14.27 -18.38 23.14
N LEU H 145 -13.06 -18.71 22.72
CA LEU H 145 -12.37 -17.94 21.67
C LEU H 145 -12.47 -18.65 20.34
N CYS H 146 -13.20 -18.07 19.40
CA CYS H 146 -13.35 -18.68 18.07
C CYS H 146 -12.31 -18.16 17.08
N PRO H 147 -12.10 -18.88 15.97
CA PRO H 147 -11.11 -18.45 14.97
C PRO H 147 -11.27 -17.00 14.56
N GLN H 148 -10.15 -16.30 14.43
CA GLN H 148 -10.18 -14.88 14.07
C GLN H 148 -9.65 -14.58 12.66
N PRO H 149 -10.24 -13.56 12.00
CA PRO H 149 -9.82 -13.16 10.66
C PRO H 149 -8.31 -12.76 10.78
N MET H 150 -7.46 -13.22 9.85
CA MET H 150 -6.00 -12.95 9.87
C MET H 150 -5.58 -11.49 9.65
N PRO H 151 -5.97 -10.83 8.58
CA PRO H 151 -5.58 -9.48 8.21
C PRO H 151 -5.13 -8.51 9.34
N ARG H 152 -5.97 -8.28 10.36
CA ARG H 152 -5.65 -7.34 11.44
C ARG H 152 -5.13 -8.02 12.69
N LEU H 153 -4.97 -9.34 12.63
CA LEU H 153 -4.56 -10.14 13.78
C LEU H 153 -3.09 -10.03 14.21
N MET H 154 -2.88 -9.71 15.47
CA MET H 154 -1.55 -9.55 16.01
C MET H 154 -1.01 -10.82 16.68
N LYS H 155 0.27 -11.02 16.50
CA LYS H 155 0.93 -12.12 17.16
C LYS H 155 1.33 -11.56 18.54
N THR H 156 0.98 -12.27 19.59
CA THR H 156 1.36 -11.77 20.92
C THR H 156 2.25 -12.75 21.65
N GLY H 157 2.89 -12.29 22.71
CA GLY H 157 3.77 -13.14 23.50
C GLY H 157 3.25 -13.40 24.90
N ASP H 158 4.12 -13.91 25.78
CA ASP H 158 3.74 -14.22 27.14
C ASP H 158 3.60 -12.96 28.00
N LYS H 159 4.20 -11.85 27.57
CA LYS H 159 4.07 -10.61 28.30
C LYS H 159 2.61 -10.16 28.31
N GLU H 160 1.99 -10.13 27.13
CA GLU H 160 0.58 -9.73 27.05
C GLU H 160 -0.36 -10.84 27.49
N GLU H 161 0.10 -12.08 27.39
CA GLU H 161 -0.71 -13.23 27.81
C GLU H 161 -0.95 -13.10 29.30
N GLN H 162 0.12 -12.75 30.03
CA GLN H 162 0.07 -12.57 31.47
C GLN H 162 -0.83 -11.40 31.83
N PHE H 163 -0.80 -10.36 31.02
CA PHE H 163 -1.63 -9.20 31.29
C PHE H 163 -3.09 -9.58 31.05
N ALA H 164 -3.33 -10.34 29.99
CA ALA H 164 -4.71 -10.74 29.67
C ALA H 164 -5.27 -11.60 30.80
N LEU H 165 -4.44 -12.48 31.35
CA LEU H 165 -4.85 -13.36 32.45
C LEU H 165 -5.28 -12.52 33.63
N LEU H 166 -4.36 -11.69 34.12
CA LEU H 166 -4.63 -10.78 35.24
C LEU H 166 -5.93 -10.01 35.05
N LEU H 167 -6.04 -9.32 33.93
CA LEU H 167 -7.26 -8.55 33.65
C LEU H 167 -8.52 -9.39 33.79
N ASN H 168 -8.52 -10.58 33.18
CA ASN H 168 -9.69 -11.42 33.23
C ASN H 168 -9.89 -11.99 34.63
N LYS H 169 -8.80 -12.11 35.36
CA LYS H 169 -8.90 -12.62 36.71
C LYS H 169 -9.57 -11.56 37.58
N ILE H 170 -8.99 -10.37 37.56
CA ILE H 170 -9.50 -9.24 38.33
C ILE H 170 -10.93 -8.90 37.99
N TRP H 171 -11.30 -9.07 36.72
CA TRP H 171 -12.67 -8.78 36.28
C TRP H 171 -13.63 -9.82 36.83
N ASP H 172 -13.22 -11.08 36.78
CA ASP H 172 -14.06 -12.15 37.27
C ASP H 172 -14.41 -11.99 38.76
N GLU H 173 -13.43 -11.58 39.55
CA GLU H 173 -13.63 -11.38 40.98
C GLU H 173 -14.63 -10.27 41.24
N GLN H 174 -14.41 -9.12 40.63
CA GLN H 174 -15.28 -7.96 40.81
C GLN H 174 -16.69 -8.13 40.26
N THR H 175 -17.03 -9.32 39.78
CA THR H 175 -18.35 -9.57 39.23
C THR H 175 -18.88 -10.98 39.52
N ASN H 176 -18.25 -11.65 40.48
CA ASN H 176 -18.66 -12.99 40.86
C ASN H 176 -19.66 -12.89 42.01
N VAL I 7 6.46 41.27 -2.05
CA VAL I 7 5.66 41.91 -0.97
C VAL I 7 5.06 40.84 -0.07
N ILE I 8 5.86 39.84 0.30
CA ILE I 8 5.39 38.77 1.17
C ILE I 8 5.98 38.89 2.58
N ASP I 9 5.19 38.57 3.59
CA ASP I 9 5.64 38.66 4.98
C ASP I 9 6.17 37.34 5.55
N SER I 10 6.39 37.32 6.86
CA SER I 10 6.92 36.15 7.55
C SER I 10 5.99 34.94 7.62
N LEU I 11 4.71 35.14 7.35
CA LEU I 11 3.75 34.03 7.38
C LEU I 11 3.68 33.31 6.04
N GLN I 12 3.80 34.06 4.95
CA GLN I 12 3.77 33.49 3.61
C GLN I 12 5.01 32.65 3.36
N LEU I 13 6.13 33.08 3.93
CA LEU I 13 7.40 32.37 3.77
C LEU I 13 7.27 30.93 4.27
N ASN I 14 6.73 30.77 5.48
CA ASN I 14 6.54 29.45 6.04
C ASN I 14 5.58 28.64 5.17
N GLU I 15 4.53 29.30 4.68
CA GLU I 15 3.54 28.66 3.82
C GLU I 15 4.24 27.95 2.67
N LEU I 16 4.92 28.74 1.84
CA LEU I 16 5.65 28.23 0.69
C LEU I 16 6.58 27.08 1.06
N LEU I 17 7.61 27.37 1.84
CA LEU I 17 8.58 26.38 2.27
C LEU I 17 8.00 25.05 2.74
N ASN I 18 6.99 25.10 3.61
CA ASN I 18 6.36 23.90 4.14
C ASN I 18 5.61 23.10 3.07
N ALA I 19 5.88 23.40 1.80
CA ALA I 19 5.23 22.71 0.70
C ALA I 19 6.25 21.90 -0.11
N GLY I 20 7.53 22.10 0.20
CA GLY I 20 8.60 21.40 -0.51
C GLY I 20 9.15 22.30 -1.60
N GLU I 21 8.42 22.39 -2.71
CA GLU I 21 8.81 23.24 -3.82
C GLU I 21 8.03 24.55 -3.73
N TYR I 22 8.59 25.60 -4.29
CA TYR I 22 7.93 26.90 -4.30
C TYR I 22 8.61 27.75 -5.36
N LYS I 23 7.91 28.76 -5.85
CA LYS I 23 8.47 29.62 -6.88
C LYS I 23 8.67 31.06 -6.44
N ILE I 24 9.69 31.68 -7.01
CA ILE I 24 10.05 33.07 -6.75
C ILE I 24 10.61 33.55 -8.07
N GLY I 25 10.07 34.64 -8.60
CA GLY I 25 10.54 35.11 -9.88
C GLY I 25 10.19 34.04 -10.90
N GLU I 26 11.13 33.73 -11.79
CA GLU I 26 10.87 32.72 -12.81
C GLU I 26 11.57 31.39 -12.50
N LEU I 27 11.91 31.16 -11.24
CA LEU I 27 12.58 29.94 -10.87
C LEU I 27 11.89 29.18 -9.75
N THR I 28 11.99 27.86 -9.81
CA THR I 28 11.38 27.01 -8.79
C THR I 28 12.47 26.60 -7.80
N PHE I 29 12.17 26.71 -6.51
CA PHE I 29 13.12 26.35 -5.49
C PHE I 29 12.68 25.19 -4.63
N GLN I 30 13.66 24.50 -4.07
CA GLN I 30 13.45 23.34 -3.21
C GLN I 30 13.86 23.81 -1.81
N SER I 31 13.01 23.59 -0.82
CA SER I 31 13.34 24.00 0.54
C SER I 31 14.51 23.16 1.02
N ILE I 32 15.32 23.69 1.93
CA ILE I 32 16.46 22.94 2.43
C ILE I 32 16.01 21.58 2.97
N ARG I 33 14.95 21.60 3.76
CA ARG I 33 14.42 20.39 4.37
C ARG I 33 14.10 19.27 3.37
N SER I 34 13.32 19.60 2.35
CA SER I 34 12.93 18.61 1.34
C SER I 34 14.09 18.14 0.46
N SER I 35 15.16 18.93 0.42
CA SER I 35 16.33 18.59 -0.38
C SER I 35 17.05 17.44 0.29
N GLN I 36 17.18 17.53 1.62
CA GLN I 36 17.87 16.51 2.39
C GLN I 36 17.09 15.21 2.44
N GLU I 37 15.99 15.13 1.69
CA GLU I 37 15.19 13.92 1.68
C GLU I 37 15.95 12.85 0.90
N LEU I 38 17.14 12.52 1.39
CA LEU I 38 18.04 11.54 0.79
C LEU I 38 17.46 10.76 -0.41
N GLN I 39 17.73 11.28 -1.60
CA GLN I 39 17.28 10.67 -2.86
C GLN I 39 18.44 10.12 -3.67
N LYS I 40 18.39 8.82 -3.96
CA LYS I 40 19.42 8.13 -4.74
C LYS I 40 19.59 8.79 -6.12
N LYS I 41 18.47 9.11 -6.75
CA LYS I 41 18.52 9.75 -8.06
C LYS I 41 18.93 11.21 -7.94
N ASN I 42 19.97 11.56 -8.71
CA ASN I 42 20.53 12.89 -8.74
C ASN I 42 19.69 13.90 -9.50
N THR I 43 18.92 14.70 -8.78
CA THR I 43 18.10 15.73 -9.42
C THR I 43 18.81 17.08 -9.35
N ILE I 44 18.50 17.96 -10.30
CA ILE I 44 19.08 19.29 -10.35
C ILE I 44 18.06 20.29 -9.82
N VAL I 45 18.41 20.98 -8.74
CA VAL I 45 17.52 21.95 -8.10
C VAL I 45 18.11 23.34 -7.97
N ASN I 46 17.28 24.26 -7.53
CA ASN I 46 17.68 25.61 -7.24
C ASN I 46 17.51 25.79 -5.75
N LEU I 47 18.41 26.49 -5.07
CA LEU I 47 18.24 26.68 -3.65
C LEU I 47 18.29 28.16 -3.32
N PHE I 48 17.82 28.50 -2.12
CA PHE I 48 17.79 29.84 -1.64
C PHE I 48 17.79 29.74 -0.14
N GLY I 49 18.81 30.31 0.48
CA GLY I 49 18.92 30.24 1.93
C GLY I 49 19.98 31.18 2.50
N ILE I 50 20.24 31.03 3.79
CA ILE I 50 21.20 31.85 4.48
C ILE I 50 22.51 31.06 4.69
N VAL I 51 23.64 31.71 4.42
CA VAL I 51 24.91 31.04 4.59
C VAL I 51 25.18 30.82 6.08
N LYS I 52 24.96 29.60 6.53
CA LYS I 52 25.16 29.21 7.92
C LYS I 52 26.65 29.10 8.26
N ASP I 53 27.44 28.67 7.27
CA ASP I 53 28.86 28.50 7.46
C ASP I 53 29.52 28.28 6.10
N PHE I 54 30.80 28.62 5.96
CA PHE I 54 31.46 28.45 4.68
C PHE I 54 32.97 28.28 4.77
N THR I 55 33.54 27.77 3.68
CA THR I 55 34.97 27.55 3.54
C THR I 55 35.41 28.41 2.35
N PRO I 56 36.47 29.19 2.51
CA PRO I 56 36.97 30.03 1.42
C PRO I 56 37.40 29.27 0.18
N SER I 57 37.37 29.94 -0.96
CA SER I 57 37.78 29.35 -2.23
C SER I 57 39.22 28.85 -2.15
N ARG I 58 39.43 27.58 -2.48
CA ARG I 58 40.74 26.95 -2.48
C ARG I 58 40.76 26.02 -3.68
N GLN I 59 41.90 25.89 -4.34
CA GLN I 59 41.97 25.01 -5.50
C GLN I 59 42.15 23.60 -4.98
N SER I 60 41.50 22.63 -5.62
CA SER I 60 41.61 21.25 -5.18
C SER I 60 43.00 20.73 -5.46
N LEU I 61 43.49 19.85 -4.61
CA LEU I 61 44.83 19.29 -4.78
C LEU I 61 44.85 18.02 -5.64
N HIS I 62 43.66 17.46 -5.90
CA HIS I 62 43.58 16.22 -6.70
C HIS I 62 42.50 16.26 -7.77
N GLY I 63 42.27 15.12 -8.41
CA GLY I 63 41.26 15.08 -9.45
C GLY I 63 41.57 16.12 -10.49
N THR I 64 40.53 16.69 -11.10
CA THR I 64 40.69 17.71 -12.11
C THR I 64 41.12 19.03 -11.49
N LYS I 65 41.44 19.01 -10.21
CA LYS I 65 41.91 20.19 -9.48
C LYS I 65 41.16 21.48 -9.77
N ASP I 66 39.84 21.45 -9.59
CA ASP I 66 39.02 22.63 -9.82
C ASP I 66 38.96 23.53 -8.59
N TRP I 67 38.53 24.76 -8.80
CA TRP I 67 38.39 25.68 -7.69
C TRP I 67 37.11 25.30 -6.93
N VAL I 68 37.22 25.27 -5.61
CA VAL I 68 36.10 24.90 -4.77
C VAL I 68 35.92 25.74 -3.53
N THR I 69 34.66 26.08 -3.26
CA THR I 69 34.29 26.81 -2.11
C THR I 69 33.11 26.03 -1.54
N THR I 70 33.06 25.79 -0.23
CA THR I 70 31.96 25.04 0.35
C THR I 70 31.08 25.91 1.24
N VAL I 71 29.77 25.81 1.08
CA VAL I 71 28.82 26.57 1.90
C VAL I 71 27.79 25.63 2.51
N TYR I 72 27.23 26.02 3.65
CA TYR I 72 26.22 25.24 4.34
C TYR I 72 24.98 26.10 4.40
N LEU I 73 23.96 25.78 3.60
CA LEU I 73 22.72 26.56 3.58
C LEU I 73 21.70 26.22 4.64
N TRP I 74 21.04 27.26 5.13
CA TRP I 74 20.02 27.11 6.15
C TRP I 74 18.79 27.90 5.75
N ASP I 75 17.63 27.40 6.13
CA ASP I 75 16.38 28.11 5.88
C ASP I 75 15.41 27.70 6.99
N PRO I 76 14.29 28.41 7.12
CA PRO I 76 13.30 28.11 8.17
C PRO I 76 12.96 26.65 8.42
N THR I 77 12.81 25.86 7.36
CA THR I 77 12.48 24.44 7.51
C THR I 77 13.54 23.65 8.27
N CYS I 78 14.57 24.33 8.77
CA CYS I 78 15.64 23.68 9.51
C CYS I 78 15.67 24.19 10.93
N ASP I 79 16.29 23.42 11.82
CA ASP I 79 16.40 23.80 13.21
C ASP I 79 17.55 24.81 13.30
N THR I 80 17.32 25.93 13.98
CA THR I 80 18.34 26.95 14.13
C THR I 80 19.64 26.33 14.64
N SER I 81 19.57 25.04 14.95
CA SER I 81 20.72 24.30 15.44
C SER I 81 21.42 23.52 14.34
N SER I 82 20.65 22.85 13.49
CA SER I 82 21.20 22.08 12.37
C SER I 82 22.22 22.93 11.61
N ILE I 83 23.24 22.29 11.04
CA ILE I 83 24.25 23.02 10.29
C ILE I 83 23.75 23.43 8.90
N GLY I 84 22.81 22.66 8.37
CA GLY I 84 22.25 22.99 7.05
C GLY I 84 22.67 22.01 5.98
N LEU I 85 22.43 22.38 4.73
CA LEU I 85 22.79 21.53 3.60
C LEU I 85 24.19 21.87 3.09
N GLN I 86 25.06 20.85 3.04
CA GLN I 86 26.42 21.05 2.57
C GLN I 86 26.44 21.07 1.06
N ILE I 87 26.94 22.16 0.50
CA ILE I 87 27.03 22.32 -0.94
C ILE I 87 28.46 22.67 -1.42
N HIS I 88 29.00 21.84 -2.30
CA HIS I 88 30.32 22.09 -2.85
C HIS I 88 30.16 22.78 -4.18
N LEU I 89 30.72 23.98 -4.29
CA LEU I 89 30.65 24.77 -5.51
C LEU I 89 32.02 24.68 -6.21
N PHE I 90 31.99 24.27 -7.48
CA PHE I 90 33.20 24.10 -8.25
C PHE I 90 33.25 25.02 -9.45
N SER I 91 34.45 25.32 -9.89
CA SER I 91 34.62 26.16 -11.07
C SER I 91 35.81 25.62 -11.81
N LYS I 92 35.59 25.33 -13.09
CA LYS I 92 36.61 24.79 -13.96
C LYS I 92 37.18 25.95 -14.77
N GLN I 93 36.45 27.07 -14.75
CA GLN I 93 36.85 28.25 -15.49
C GLN I 93 37.40 29.34 -14.58
N GLY I 94 38.33 28.99 -13.71
CA GLY I 94 38.90 30.00 -12.83
C GLY I 94 38.02 30.30 -11.62
N ASN I 95 38.43 31.28 -10.81
CA ASN I 95 37.70 31.62 -9.60
C ASN I 95 36.67 32.72 -9.78
N ASP I 96 35.46 32.32 -10.14
CA ASP I 96 34.33 33.22 -10.33
C ASP I 96 33.30 32.74 -9.31
N LEU I 97 33.79 32.07 -8.27
CA LEU I 97 32.93 31.55 -7.23
C LEU I 97 32.41 32.68 -6.38
N PRO I 98 31.42 32.40 -5.53
CA PRO I 98 30.88 33.47 -4.67
C PRO I 98 31.93 33.93 -3.65
N VAL I 99 32.03 35.24 -3.43
CA VAL I 99 32.95 35.80 -2.47
C VAL I 99 32.12 36.13 -1.23
N ILE I 100 32.15 35.21 -0.26
CA ILE I 100 31.37 35.36 0.96
C ILE I 100 32.17 35.97 2.11
N LYS I 101 31.66 37.07 2.65
CA LYS I 101 32.34 37.77 3.74
C LYS I 101 32.00 37.25 5.12
N GLN I 102 30.73 36.99 5.39
CA GLN I 102 30.36 36.52 6.72
C GLN I 102 29.08 35.69 6.75
N VAL I 103 28.95 34.88 7.79
CA VAL I 103 27.77 34.05 7.99
C VAL I 103 26.58 35.00 8.09
N GLY I 104 25.42 34.56 7.62
CA GLY I 104 24.24 35.41 7.69
C GLY I 104 23.76 35.93 6.34
N GLN I 105 24.63 35.88 5.33
CA GLN I 105 24.26 36.36 4.00
C GLN I 105 23.32 35.39 3.27
N PRO I 106 22.33 35.94 2.58
CA PRO I 106 21.36 35.16 1.81
C PRO I 106 22.00 34.78 0.48
N LEU I 107 21.90 33.51 0.10
CA LEU I 107 22.50 33.04 -1.13
C LEU I 107 21.51 32.28 -2.01
N LEU I 108 21.41 32.69 -3.27
CA LEU I 108 20.53 32.02 -4.21
C LEU I 108 21.38 31.24 -5.20
N LEU I 109 21.25 29.91 -5.17
CA LEU I 109 21.98 29.01 -6.07
C LEU I 109 21.11 28.45 -7.20
N HIS I 110 21.63 28.51 -8.43
CA HIS I 110 20.91 28.01 -9.60
C HIS I 110 21.65 26.84 -10.23
N GLN I 111 21.06 25.65 -10.14
CA GLN I 111 21.64 24.42 -10.72
C GLN I 111 22.60 23.69 -9.80
N ILE I 112 22.06 23.06 -8.77
CA ILE I 112 22.84 22.28 -7.82
C ILE I 112 22.35 20.83 -7.89
N THR I 113 23.27 19.89 -8.00
CA THR I 113 22.92 18.47 -8.06
C THR I 113 22.89 17.87 -6.68
N LEU I 114 21.74 17.32 -6.31
CA LEU I 114 21.58 16.70 -5.01
C LEU I 114 22.04 15.26 -5.11
N ARG I 115 22.87 14.83 -4.16
CA ARG I 115 23.33 13.46 -4.16
C ARG I 115 23.71 13.02 -2.75
N SER I 116 24.10 11.75 -2.62
CA SER I 116 24.46 11.22 -1.31
C SER I 116 25.97 10.98 -1.04
N TYR I 117 26.38 11.29 0.18
CA TYR I 117 27.76 11.08 0.61
C TYR I 117 27.73 10.57 2.05
N ARG I 118 28.13 9.31 2.24
CA ARG I 118 28.14 8.69 3.57
C ARG I 118 26.74 8.80 4.14
N ASP I 119 25.77 8.46 3.31
CA ASP I 119 24.36 8.50 3.67
C ASP I 119 24.00 9.81 4.36
N ARG I 120 24.03 10.84 3.58
CA ARG I 120 23.72 12.21 3.97
C ARG I 120 23.59 12.96 2.68
N THR I 121 22.63 13.86 2.56
CA THR I 121 22.48 14.59 1.32
C THR I 121 23.55 15.65 1.18
N GLN I 122 23.99 15.86 -0.05
CA GLN I 122 25.04 16.81 -0.34
C GLN I 122 24.83 17.47 -1.69
N GLY I 123 25.14 18.75 -1.77
CA GLY I 123 25.00 19.48 -3.03
C GLY I 123 26.33 19.57 -3.79
N LEU I 124 26.24 19.44 -5.10
CA LEU I 124 27.37 19.50 -6.02
C LEU I 124 26.92 20.41 -7.13
N SER I 125 27.65 21.49 -7.36
CA SER I 125 27.29 22.44 -8.40
C SER I 125 27.43 21.89 -9.84
N LYS I 126 26.59 22.38 -10.74
CA LYS I 126 26.65 22.01 -12.16
C LYS I 126 27.66 22.99 -12.76
N ASP I 127 28.47 22.54 -13.70
CA ASP I 127 29.47 23.41 -14.34
C ASP I 127 28.95 24.81 -14.61
N GLN I 128 27.72 24.92 -15.12
CA GLN I 128 27.13 26.22 -15.45
C GLN I 128 26.27 26.85 -14.37
N PHE I 129 26.52 26.54 -13.11
CA PHE I 129 25.72 27.11 -12.02
C PHE I 129 25.90 28.63 -11.91
N ARG I 130 24.79 29.30 -11.60
CA ARG I 130 24.76 30.76 -11.42
C ARG I 130 24.39 31.03 -9.96
N TYR I 131 24.47 32.29 -9.53
CA TYR I 131 24.11 32.59 -8.14
C TYR I 131 23.89 34.06 -7.87
N ALA I 132 23.37 34.35 -6.68
CA ALA I 132 23.12 35.71 -6.24
C ALA I 132 23.49 35.76 -4.76
N LEU I 133 24.08 36.86 -4.34
CA LEU I 133 24.50 37.01 -2.95
C LEU I 133 24.06 38.37 -2.42
N TRP I 134 23.48 38.38 -1.22
CA TRP I 134 23.04 39.64 -0.63
C TRP I 134 23.82 39.96 0.63
N PRO I 135 23.75 41.21 1.09
CA PRO I 135 24.45 41.65 2.31
C PRO I 135 23.79 40.98 3.49
N ASP I 136 24.50 40.94 4.62
CA ASP I 136 23.92 40.38 5.84
C ASP I 136 23.21 41.56 6.48
N PHE I 137 21.99 41.82 6.00
CA PHE I 137 21.16 42.93 6.45
C PHE I 137 21.16 43.26 7.93
N SER I 138 21.09 42.23 8.78
CA SER I 138 21.03 42.41 10.22
C SER I 138 22.39 42.71 10.84
N SER I 139 23.27 43.38 10.10
CA SER I 139 24.60 43.69 10.61
C SER I 139 24.84 45.19 10.75
N ASN I 140 25.66 45.57 11.74
CA ASN I 140 25.98 46.97 11.99
C ASN I 140 26.81 47.54 10.84
N SER I 141 27.31 46.65 9.99
CA SER I 141 28.11 47.04 8.84
C SER I 141 27.20 47.14 7.62
N LYS I 142 27.53 48.03 6.68
CA LYS I 142 26.72 48.20 5.50
C LYS I 142 27.45 47.72 4.23
N ASP I 143 28.71 47.33 4.39
CA ASP I 143 29.50 46.85 3.27
C ASP I 143 29.80 45.35 3.44
N THR I 144 28.87 44.63 4.06
CA THR I 144 29.04 43.20 4.27
C THR I 144 29.16 42.46 2.95
N LEU I 145 28.60 43.06 1.89
CA LEU I 145 28.67 42.46 0.56
C LEU I 145 29.74 43.15 -0.27
N CYS I 146 30.79 42.41 -0.63
CA CYS I 146 31.86 42.96 -1.45
C CYS I 146 31.59 42.62 -2.90
N PRO I 147 32.27 43.32 -3.83
CA PRO I 147 32.06 43.04 -5.26
C PRO I 147 32.20 41.55 -5.61
N GLN I 148 31.32 41.08 -6.49
CA GLN I 148 31.30 39.68 -6.91
C GLN I 148 31.77 39.54 -8.35
N PRO I 149 32.34 38.38 -8.70
CA PRO I 149 32.82 38.12 -10.06
C PRO I 149 31.57 38.10 -10.95
N MET I 150 31.69 38.58 -12.21
CA MET I 150 30.51 38.68 -13.10
C MET I 150 30.04 37.40 -13.78
N PRO I 151 30.96 36.57 -14.30
CA PRO I 151 30.60 35.34 -15.00
C PRO I 151 29.37 34.58 -14.53
N ARG I 152 29.32 34.20 -13.25
CA ARG I 152 28.19 33.45 -12.74
C ARG I 152 27.11 34.27 -12.04
N LEU I 153 27.25 35.60 -12.07
CA LEU I 153 26.27 36.46 -11.42
C LEU I 153 24.91 36.52 -12.12
N MET I 154 23.86 36.51 -11.31
CA MET I 154 22.48 36.60 -11.79
C MET I 154 21.93 37.99 -11.47
N LYS I 155 21.14 38.53 -12.37
CA LYS I 155 20.47 39.79 -12.15
C LYS I 155 19.18 39.40 -11.41
N THR I 156 18.85 40.12 -10.34
CA THR I 156 17.64 39.80 -9.58
C THR I 156 16.72 41.01 -9.41
N GLY I 157 15.46 40.72 -9.14
CA GLY I 157 14.49 41.79 -8.96
C GLY I 157 14.14 41.99 -7.49
N ASP I 158 13.01 42.66 -7.25
CA ASP I 158 12.56 42.93 -5.90
C ASP I 158 11.90 41.70 -5.27
N LYS I 159 11.46 40.76 -6.11
CA LYS I 159 10.82 39.55 -5.62
C LYS I 159 11.79 38.77 -4.75
N GLU I 160 12.97 38.47 -5.28
CA GLU I 160 13.98 37.74 -4.52
C GLU I 160 14.61 38.64 -3.45
N GLU I 161 14.63 39.94 -3.72
CA GLU I 161 15.18 40.90 -2.78
C GLU I 161 14.35 40.80 -1.49
N GLN I 162 13.02 40.74 -1.65
CA GLN I 162 12.12 40.62 -0.51
C GLN I 162 12.38 39.30 0.20
N PHE I 163 12.49 38.23 -0.57
CA PHE I 163 12.71 36.91 0.02
C PHE I 163 14.02 36.87 0.81
N ALA I 164 15.03 37.56 0.29
CA ALA I 164 16.34 37.60 0.94
C ALA I 164 16.22 38.29 2.28
N LEU I 165 15.49 39.40 2.29
CA LEU I 165 15.27 40.17 3.52
C LEU I 165 14.60 39.29 4.56
N LEU I 166 13.48 38.66 4.18
CA LEU I 166 12.73 37.79 5.07
C LEU I 166 13.63 36.75 5.68
N LEU I 167 14.30 35.98 4.82
CA LEU I 167 15.20 34.92 5.26
C LEU I 167 16.21 35.44 6.28
N ASN I 168 16.87 36.54 5.94
CA ASN I 168 17.86 37.11 6.84
C ASN I 168 17.22 37.57 8.16
N LYS I 169 15.99 38.07 8.07
CA LYS I 169 15.27 38.53 9.26
C LYS I 169 14.98 37.33 10.17
N ILE I 170 14.30 36.34 9.63
CA ILE I 170 13.95 35.13 10.38
C ILE I 170 15.18 34.43 10.96
N TRP I 171 16.29 34.50 10.24
CA TRP I 171 17.54 33.89 10.70
C TRP I 171 18.12 34.66 11.88
N ASP I 172 18.05 35.99 11.79
CA ASP I 172 18.56 36.87 12.83
C ASP I 172 17.84 36.70 14.17
N GLU I 173 16.51 36.55 14.11
CA GLU I 173 15.72 36.38 15.32
C GLU I 173 16.07 35.06 16.02
N GLN I 174 16.03 33.97 15.26
CA GLN I 174 16.34 32.65 15.78
C GLN I 174 17.77 32.44 16.26
N THR I 175 18.57 33.51 16.26
CA THR I 175 19.96 33.40 16.69
C THR I 175 20.43 34.66 17.42
N ASN I 176 19.48 35.47 17.86
CA ASN I 176 19.80 36.70 18.60
C ASN I 176 19.84 36.41 20.10
N VAL J 7 25.76 -0.40 -22.47
CA VAL J 7 26.59 0.17 -23.58
C VAL J 7 26.95 -0.90 -24.60
N ILE J 8 25.97 -1.71 -24.98
CA ILE J 8 26.18 -2.77 -25.97
C ILE J 8 25.56 -2.41 -27.32
N ASP J 9 26.24 -2.79 -28.41
CA ASP J 9 25.77 -2.48 -29.76
C ASP J 9 24.98 -3.62 -30.40
N SER J 10 24.72 -3.50 -31.70
CA SER J 10 23.96 -4.50 -32.45
C SER J 10 24.65 -5.84 -32.65
N LEU J 11 25.97 -5.90 -32.45
CA LEU J 11 26.69 -7.15 -32.62
C LEU J 11 26.67 -8.00 -31.34
N GLN J 12 26.72 -7.33 -30.18
CA GLN J 12 26.70 -8.02 -28.90
C GLN J 12 25.33 -8.62 -28.63
N LEU J 13 24.29 -7.93 -29.09
CA LEU J 13 22.92 -8.39 -28.92
C LEU J 13 22.77 -9.78 -29.53
N ASN J 14 23.19 -9.92 -30.78
CA ASN J 14 23.12 -11.20 -31.48
C ASN J 14 23.93 -12.26 -30.73
N GLU J 15 25.11 -11.86 -30.25
CA GLU J 15 25.99 -12.76 -29.50
C GLU J 15 25.22 -13.42 -28.36
N LEU J 16 24.71 -12.59 -27.47
CA LEU J 16 23.94 -13.04 -26.31
C LEU J 16 22.81 -13.99 -26.72
N LEU J 17 21.82 -13.44 -27.42
CA LEU J 17 20.67 -14.20 -27.88
C LEU J 17 20.98 -15.57 -28.47
N ASN J 18 21.90 -15.62 -29.43
CA ASN J 18 22.27 -16.88 -30.07
C ASN J 18 22.89 -17.90 -29.11
N ALA J 19 22.76 -17.66 -27.81
CA ALA J 19 23.31 -18.57 -26.81
C ALA J 19 22.18 -19.19 -25.99
N GLY J 20 20.95 -18.76 -26.27
CA GLY J 20 19.81 -19.28 -25.55
C GLY J 20 19.49 -18.39 -24.37
N GLU J 21 20.22 -18.58 -23.28
CA GLU J 21 20.03 -17.77 -22.08
C GLU J 21 21.04 -16.63 -22.10
N TYR J 22 20.71 -15.54 -21.40
CA TYR J 22 21.60 -14.39 -21.32
C TYR J 22 21.13 -13.50 -20.18
N LYS J 23 22.06 -12.73 -19.63
CA LYS J 23 21.72 -11.85 -18.50
C LYS J 23 21.79 -10.37 -18.83
N ILE J 24 20.90 -9.62 -18.19
CA ILE J 24 20.82 -8.17 -18.34
C ILE J 24 20.39 -7.70 -16.96
N GLY J 25 21.19 -6.85 -16.34
CA GLY J 25 20.87 -6.40 -15.00
C GLY J 25 21.05 -7.59 -14.08
N GLU J 26 20.09 -7.81 -13.18
CA GLU J 26 20.20 -8.92 -12.24
C GLU J 26 19.28 -10.08 -12.63
N LEU J 27 18.83 -10.11 -13.88
CA LEU J 27 17.94 -11.16 -14.35
C LEU J 27 18.45 -11.94 -15.56
N THR J 28 18.14 -13.23 -15.58
CA THR J 28 18.53 -14.11 -16.68
C THR J 28 17.33 -14.22 -17.63
N PHE J 29 17.56 -13.97 -18.91
CA PHE J 29 16.50 -14.05 -19.89
C PHE J 29 16.64 -15.21 -20.85
N GLN J 30 15.52 -15.60 -21.45
CA GLN J 30 15.48 -16.69 -22.40
C GLN J 30 15.13 -16.02 -23.73
N SER J 31 15.82 -16.38 -24.80
CA SER J 31 15.53 -15.79 -26.10
C SER J 31 14.21 -16.35 -26.59
N ILE J 32 13.49 -15.59 -27.41
CA ILE J 32 12.20 -16.05 -27.91
C ILE J 32 12.37 -17.40 -28.58
N ARG J 33 13.38 -17.52 -29.42
CA ARG J 33 13.65 -18.76 -30.15
C ARG J 33 13.77 -19.96 -29.23
N SER J 34 14.69 -19.90 -28.27
CA SER J 34 14.91 -21.01 -27.35
C SER J 34 13.72 -21.30 -26.44
N SER J 35 12.79 -20.36 -26.31
CA SER J 35 11.61 -20.56 -25.47
C SER J 35 10.65 -21.49 -26.17
N GLN J 36 10.48 -21.27 -27.48
CA GLN J 36 9.57 -22.08 -28.28
C GLN J 36 10.10 -23.50 -28.48
N GLU J 37 11.20 -23.84 -27.80
CA GLU J 37 11.78 -25.18 -27.91
C GLU J 37 10.86 -26.17 -27.20
N LEU J 38 9.60 -26.16 -27.62
CA LEU J 38 8.55 -27.03 -27.08
C LEU J 38 9.01 -28.01 -26.02
N GLN J 39 8.93 -27.56 -24.76
CA GLN J 39 9.33 -28.38 -23.62
C GLN J 39 8.08 -28.77 -22.82
N LYS J 40 7.93 -30.07 -22.57
CA LYS J 40 6.81 -30.60 -21.81
C LYS J 40 6.81 -30.03 -20.39
N LYS J 41 7.98 -30.03 -19.76
CA LYS J 41 8.11 -29.50 -18.41
C LYS J 41 7.98 -27.98 -18.35
N ASN J 42 7.03 -27.53 -17.55
CA ASN J 42 6.73 -26.12 -17.39
C ASN J 42 7.78 -25.37 -16.58
N THR J 43 8.63 -24.63 -17.28
CA THR J 43 9.66 -23.83 -16.64
C THR J 43 9.23 -22.37 -16.58
N ILE J 44 9.73 -21.65 -15.58
CA ILE J 44 9.41 -20.24 -15.42
C ILE J 44 10.59 -19.43 -15.96
N VAL J 45 10.32 -18.44 -16.80
CA VAL J 45 11.39 -17.64 -17.39
C VAL J 45 11.10 -16.16 -17.42
N ASN J 46 12.08 -15.40 -17.91
CA ASN J 46 11.95 -13.97 -18.06
C ASN J 46 12.16 -13.75 -19.55
N LEU J 47 11.41 -12.80 -20.11
CA LEU J 47 11.49 -12.54 -21.53
C LEU J 47 11.65 -11.07 -21.75
N PHE J 48 12.22 -10.72 -22.89
CA PHE J 48 12.45 -9.33 -23.23
C PHE J 48 12.35 -9.32 -24.73
N GLY J 49 11.45 -8.53 -25.27
CA GLY J 49 11.30 -8.46 -26.71
C GLY J 49 10.48 -7.28 -27.19
N ILE J 50 10.02 -7.39 -28.43
CA ILE J 50 9.20 -6.35 -29.03
C ILE J 50 7.77 -6.87 -29.14
N VAL J 51 6.81 -5.99 -28.87
CA VAL J 51 5.40 -6.37 -28.97
C VAL J 51 5.10 -6.37 -30.46
N LYS J 52 5.05 -7.56 -31.02
CA LYS J 52 4.78 -7.77 -32.44
C LYS J 52 3.30 -7.54 -32.70
N ASP J 53 2.47 -7.93 -31.73
CA ASP J 53 1.02 -7.80 -31.82
C ASP J 53 0.41 -8.01 -30.45
N PHE J 54 -0.81 -7.51 -30.24
CA PHE J 54 -1.46 -7.66 -28.95
C PHE J 54 -2.99 -7.56 -28.94
N THR J 55 -3.58 -8.04 -27.85
CA THR J 55 -5.03 -7.99 -27.68
C THR J 55 -5.25 -7.19 -26.40
N PRO J 56 -6.10 -6.16 -26.45
CA PRO J 56 -6.38 -5.32 -25.28
C PRO J 56 -6.93 -6.09 -24.08
N SER J 57 -6.79 -5.50 -22.90
CA SER J 57 -7.27 -6.11 -21.67
C SER J 57 -8.78 -6.32 -21.63
N ARG J 58 -9.19 -7.58 -21.49
CA ARG J 58 -10.59 -7.98 -21.42
C ARG J 58 -10.73 -9.00 -20.30
N GLN J 59 -11.89 -9.04 -19.66
CA GLN J 59 -12.11 -10.00 -18.60
C GLN J 59 -12.55 -11.30 -19.24
N SER J 60 -12.05 -12.41 -18.70
CA SER J 60 -12.41 -13.73 -19.21
C SER J 60 -13.88 -13.96 -18.88
N LEU J 61 -14.57 -14.67 -19.77
CA LEU J 61 -15.99 -14.97 -19.57
C LEU J 61 -16.20 -16.33 -18.91
N HIS J 62 -15.13 -17.06 -18.66
CA HIS J 62 -15.24 -18.37 -18.02
C HIS J 62 -14.15 -18.65 -17.02
N GLY J 63 -14.16 -19.86 -16.51
CA GLY J 63 -13.16 -20.26 -15.52
C GLY J 63 -13.23 -19.29 -14.37
N THR J 64 -12.09 -18.96 -13.80
CA THR J 64 -12.00 -18.04 -12.69
C THR J 64 -12.22 -16.60 -13.14
N LYS J 65 -12.53 -16.42 -14.42
CA LYS J 65 -12.81 -15.09 -14.99
C LYS J 65 -11.81 -13.98 -14.69
N ASP J 66 -10.54 -14.25 -14.92
CA ASP J 66 -9.50 -13.25 -14.65
C ASP J 66 -9.28 -12.26 -15.80
N TRP J 67 -8.69 -11.11 -15.48
CA TRP J 67 -8.39 -10.14 -16.53
C TRP J 67 -7.25 -10.74 -17.36
N VAL J 68 -7.35 -10.59 -18.67
CA VAL J 68 -6.35 -11.13 -19.56
C VAL J 68 -6.00 -10.25 -20.75
N THR J 69 -4.70 -10.10 -20.99
CA THR J 69 -4.21 -9.34 -22.12
C THR J 69 -3.23 -10.27 -22.82
N THR J 70 -3.30 -10.33 -24.14
CA THR J 70 -2.43 -11.23 -24.90
C THR J 70 -1.43 -10.50 -25.75
N VAL J 71 -0.18 -10.95 -25.68
CA VAL J 71 0.87 -10.33 -26.47
C VAL J 71 1.68 -11.35 -27.22
N TYR J 72 2.22 -10.93 -28.36
CA TYR J 72 3.07 -11.78 -29.17
C TYR J 72 4.45 -11.13 -29.16
N LEU J 73 5.41 -11.77 -28.52
CA LEU J 73 6.76 -11.26 -28.42
C LEU J 73 7.72 -11.63 -29.54
N TRP J 74 8.47 -10.65 -30.00
CA TRP J 74 9.44 -10.87 -31.07
C TRP J 74 10.80 -10.37 -30.67
N ASP J 75 11.84 -11.04 -31.17
CA ASP J 75 13.20 -10.63 -30.94
C ASP J 75 14.00 -11.13 -32.14
N PRO J 76 15.25 -10.68 -32.31
CA PRO J 76 16.12 -11.07 -33.42
C PRO J 76 16.21 -12.56 -33.78
N THR J 77 16.20 -13.44 -32.79
CA THR J 77 16.28 -14.88 -33.07
C THR J 77 15.05 -15.41 -33.80
N CYS J 78 14.14 -14.51 -34.19
CA CYS J 78 12.94 -14.89 -34.91
C CYS J 78 12.97 -14.28 -36.31
N ASP J 79 12.16 -14.80 -37.21
CA ASP J 79 12.09 -14.28 -38.57
C ASP J 79 11.17 -13.08 -38.51
N THR J 80 11.59 -11.98 -39.13
CA THR J 80 10.78 -10.76 -39.14
C THR J 80 9.37 -11.09 -39.63
N SER J 81 9.19 -12.33 -40.06
CA SER J 81 7.91 -12.81 -40.57
C SER J 81 7.10 -13.53 -39.48
N SER J 82 7.76 -14.41 -38.72
CA SER J 82 7.11 -15.13 -37.63
C SER J 82 6.31 -14.15 -36.77
N ILE J 83 5.22 -14.63 -36.17
CA ILE J 83 4.40 -13.76 -35.33
C ILE J 83 5.02 -13.58 -33.95
N GLY J 84 5.86 -14.52 -33.55
CA GLY J 84 6.49 -14.43 -32.24
C GLY J 84 5.90 -15.40 -31.24
N LEU J 85 6.32 -15.30 -29.98
CA LEU J 85 5.82 -16.17 -28.92
C LEU J 85 4.51 -15.62 -28.31
N GLN J 86 3.50 -16.49 -28.23
CA GLN J 86 2.20 -16.07 -27.68
C GLN J 86 2.23 -16.15 -26.17
N ILE J 87 1.79 -15.07 -25.52
CA ILE J 87 1.78 -14.97 -24.07
C ILE J 87 0.47 -14.42 -23.51
N HIS J 88 -0.13 -15.15 -22.58
CA HIS J 88 -1.35 -14.68 -21.96
C HIS J 88 -0.99 -14.16 -20.56
N LEU J 89 -1.25 -12.86 -20.34
CA LEU J 89 -0.97 -12.25 -19.06
C LEU J 89 -2.31 -12.13 -18.30
N PHE J 90 -2.35 -12.79 -17.15
CA PHE J 90 -3.53 -12.82 -16.30
C PHE J 90 -3.37 -12.06 -15.02
N SER J 91 -4.45 -11.45 -14.56
CA SER J 91 -4.42 -10.74 -13.30
C SER J 91 -5.68 -11.07 -12.48
N LYS J 92 -5.45 -11.61 -11.29
CA LYS J 92 -6.55 -11.97 -10.39
C LYS J 92 -6.85 -10.80 -9.48
N GLN J 93 -5.92 -9.83 -9.45
CA GLN J 93 -6.06 -8.64 -8.63
C GLN J 93 -6.46 -7.39 -9.42
N GLY J 94 -7.41 -7.56 -10.33
CA GLY J 94 -7.90 -6.43 -11.13
C GLY J 94 -7.02 -6.17 -12.35
N ASN J 95 -7.31 -5.11 -13.08
CA ASN J 95 -6.55 -4.80 -14.29
C ASN J 95 -5.34 -3.92 -14.01
N ASP J 96 -4.23 -4.53 -13.72
CA ASP J 96 -2.97 -3.82 -13.47
C ASP J 96 -2.01 -4.30 -14.55
N LEU J 97 -2.61 -4.84 -15.59
CA LEU J 97 -1.89 -5.38 -16.71
C LEU J 97 -1.22 -4.28 -17.57
N PRO J 98 -0.21 -4.66 -18.37
CA PRO J 98 0.47 -3.68 -19.21
C PRO J 98 -0.47 -2.99 -20.18
N VAL J 99 -0.39 -1.66 -20.23
CA VAL J 99 -1.21 -0.88 -21.13
C VAL J 99 -0.35 -0.59 -22.37
N ILE J 100 -0.58 -1.35 -23.42
CA ILE J 100 0.15 -1.26 -24.69
C ILE J 100 -0.57 -0.41 -25.72
N LYS J 101 0.08 0.66 -26.16
CA LYS J 101 -0.53 1.54 -27.15
C LYS J 101 -0.36 1.08 -28.60
N GLN J 102 0.83 0.59 -28.94
CA GLN J 102 1.08 0.15 -30.32
C GLN J 102 2.16 -0.92 -30.47
N VAL J 103 2.14 -1.57 -31.63
CA VAL J 103 3.12 -2.58 -31.96
C VAL J 103 4.46 -1.87 -32.04
N GLY J 104 5.55 -2.57 -31.72
CA GLY J 104 6.85 -1.96 -31.79
C GLY J 104 7.44 -1.68 -30.42
N GLN J 105 6.58 -1.57 -29.40
CA GLN J 105 7.04 -1.30 -28.04
C GLN J 105 7.82 -2.47 -27.45
N PRO J 106 8.94 -2.17 -26.76
CA PRO J 106 9.75 -3.21 -26.14
C PRO J 106 9.10 -3.56 -24.82
N LEU J 107 9.18 -4.82 -24.42
CA LEU J 107 8.55 -5.26 -23.19
C LEU J 107 9.42 -6.26 -22.42
N LEU J 108 9.56 -6.06 -21.12
CA LEU J 108 10.33 -6.97 -20.29
C LEU J 108 9.34 -7.66 -19.39
N LEU J 109 9.30 -9.00 -19.44
CA LEU J 109 8.38 -9.79 -18.61
C LEU J 109 9.15 -10.62 -17.61
N HIS J 110 8.72 -10.58 -16.36
CA HIS J 110 9.37 -11.33 -15.31
C HIS J 110 8.40 -12.34 -14.70
N GLN J 111 8.70 -13.62 -14.88
CA GLN J 111 7.91 -14.75 -14.37
C GLN J 111 6.78 -15.19 -15.31
N ILE J 112 7.16 -15.90 -16.36
CA ILE J 112 6.25 -16.42 -17.37
C ILE J 112 6.40 -17.93 -17.47
N THR J 113 5.32 -18.68 -17.30
CA THR J 113 5.41 -20.13 -17.40
C THR J 113 5.32 -20.54 -18.87
N LEU J 114 6.29 -21.33 -19.30
CA LEU J 114 6.33 -21.81 -20.67
C LEU J 114 5.61 -23.16 -20.74
N ARG J 115 4.64 -23.29 -21.64
CA ARG J 115 3.91 -24.55 -21.78
C ARG J 115 3.33 -24.75 -23.19
N SER J 116 2.83 -25.95 -23.45
CA SER J 116 2.28 -26.31 -24.76
C SER J 116 0.76 -26.21 -24.90
N TYR J 117 0.32 -26.00 -26.13
CA TYR J 117 -1.10 -25.84 -26.44
C TYR J 117 -1.32 -26.09 -27.92
N ARG J 118 -2.35 -26.83 -28.29
CA ARG J 118 -2.48 -27.08 -29.70
C ARG J 118 -1.06 -27.30 -30.24
N ASP J 119 -0.24 -27.95 -29.39
CA ASP J 119 1.15 -28.40 -29.61
C ASP J 119 2.13 -27.44 -30.26
N ARG J 120 2.15 -26.25 -29.66
CA ARG J 120 2.98 -25.11 -29.93
C ARG J 120 3.32 -24.53 -28.56
N THR J 121 4.41 -23.81 -28.47
CA THR J 121 4.81 -23.24 -27.20
C THR J 121 3.94 -22.02 -26.93
N GLN J 122 3.66 -21.77 -25.65
CA GLN J 122 2.82 -20.69 -25.23
C GLN J 122 3.20 -20.20 -23.82
N GLY J 123 3.14 -18.89 -23.58
CA GLY J 123 3.45 -18.36 -22.26
C GLY J 123 2.22 -18.00 -21.43
N LEU J 124 2.25 -18.36 -20.15
CA LEU J 124 1.17 -18.08 -19.20
C LEU J 124 1.81 -17.37 -18.03
N SER J 125 1.32 -16.18 -17.69
CA SER J 125 1.92 -15.42 -16.59
C SER J 125 1.68 -16.00 -15.20
N LYS J 126 2.70 -15.93 -14.35
CA LYS J 126 2.59 -16.39 -12.98
C LYS J 126 1.75 -15.32 -12.30
N ASP J 127 1.07 -15.67 -11.21
CA ASP J 127 0.24 -14.71 -10.49
C ASP J 127 0.99 -13.41 -10.14
N GLN J 128 2.22 -13.55 -9.69
CA GLN J 128 3.04 -12.40 -9.27
C GLN J 128 3.92 -11.78 -10.36
N PHE J 129 3.62 -12.02 -11.64
CA PHE J 129 4.44 -11.48 -12.72
C PHE J 129 4.59 -9.95 -12.71
N ARG J 130 5.79 -9.48 -13.00
CA ARG J 130 6.10 -8.05 -13.05
C ARG J 130 6.53 -7.74 -14.48
N TYR J 131 6.56 -6.47 -14.87
CA TYR J 131 6.97 -6.12 -16.23
C TYR J 131 7.49 -4.69 -16.37
N ALA J 132 8.03 -4.38 -17.55
CA ALA J 132 8.54 -3.06 -17.87
C ALA J 132 8.20 -2.83 -19.34
N LEU J 133 7.68 -1.64 -19.66
CA LEU J 133 7.29 -1.31 -21.02
C LEU J 133 8.01 -0.03 -21.46
N TRP J 134 8.44 0.01 -22.71
CA TRP J 134 9.14 1.20 -23.23
C TRP J 134 8.38 1.78 -24.41
N PRO J 135 8.71 3.02 -24.80
CA PRO J 135 8.06 3.70 -25.92
C PRO J 135 8.53 3.10 -27.22
N ASP J 136 7.75 3.30 -28.29
CA ASP J 136 8.17 2.81 -29.59
C ASP J 136 9.12 3.88 -30.16
N PHE J 137 10.35 3.87 -29.66
CA PHE J 137 11.37 4.84 -30.07
C PHE J 137 11.32 5.24 -31.54
N SER J 138 11.24 4.25 -32.43
CA SER J 138 11.21 4.52 -33.87
C SER J 138 9.90 5.10 -34.39
N SER J 139 9.18 5.86 -33.58
CA SER J 139 7.92 6.44 -34.02
C SER J 139 7.98 7.97 -34.07
N ASN J 140 7.16 8.58 -34.92
CA ASN J 140 7.11 10.03 -35.03
C ASN J 140 6.41 10.62 -33.83
N SER J 141 5.94 9.75 -32.95
CA SER J 141 5.25 10.19 -31.75
C SER J 141 6.19 10.00 -30.58
N LYS J 142 6.07 10.86 -29.58
CA LYS J 142 6.95 10.78 -28.42
C LYS J 142 6.20 10.35 -27.18
N ASP J 143 4.88 10.26 -27.30
CA ASP J 143 4.03 9.86 -26.18
C ASP J 143 3.43 8.48 -26.43
N THR J 144 4.15 7.64 -27.17
CA THR J 144 3.71 6.29 -27.47
C THR J 144 3.56 5.45 -26.21
N LEU J 145 4.20 5.87 -25.13
CA LEU J 145 4.13 5.16 -23.86
C LEU J 145 3.23 5.93 -22.89
N CYS J 146 2.09 5.34 -22.57
CA CYS J 146 1.15 5.96 -21.65
C CYS J 146 1.42 5.51 -20.23
N PRO J 147 0.89 6.25 -19.23
CA PRO J 147 1.09 5.88 -17.82
C PRO J 147 0.69 4.45 -17.54
N GLN J 148 1.54 3.74 -16.80
CA GLN J 148 1.29 2.34 -16.47
C GLN J 148 0.83 2.13 -15.03
N PRO J 149 0.10 1.04 -14.77
CA PRO J 149 -0.37 0.75 -13.42
C PRO J 149 0.87 0.41 -12.57
N MET J 150 0.89 0.83 -11.31
CA MET J 150 2.09 0.63 -10.46
C MET J 150 2.31 -0.77 -9.91
N PRO J 151 1.26 -1.46 -9.44
CA PRO J 151 1.36 -2.80 -8.86
C PRO J 151 2.43 -3.76 -9.41
N ARG J 152 2.42 -3.99 -10.72
CA ARG J 152 3.37 -4.91 -11.33
C ARG J 152 4.57 -4.27 -12.01
N LEU J 153 4.66 -2.95 -11.96
CA LEU J 153 5.76 -2.21 -12.60
C LEU J 153 7.13 -2.45 -11.97
N MET J 154 8.13 -2.62 -12.84
CA MET J 154 9.50 -2.84 -12.40
C MET J 154 10.32 -1.58 -12.65
N LYS J 155 11.24 -1.31 -11.73
CA LYS J 155 12.11 -0.16 -11.87
C LYS J 155 13.29 -0.68 -12.69
N THR J 156 13.64 0.03 -13.76
CA THR J 156 14.73 -0.39 -14.62
C THR J 156 15.87 0.64 -14.73
N GLY J 157 17.05 0.14 -15.04
CA GLY J 157 18.21 1.02 -15.19
C GLY J 157 18.52 1.30 -16.64
N ASP J 158 19.77 1.69 -16.90
CA ASP J 158 20.21 2.00 -18.25
C ASP J 158 20.62 0.73 -18.99
N LYS J 159 20.92 -0.33 -18.24
CA LYS J 159 21.32 -1.60 -18.84
C LYS J 159 20.20 -2.10 -19.75
N GLU J 160 18.99 -2.24 -19.19
CA GLU J 160 17.83 -2.69 -19.95
C GLU J 160 17.31 -1.59 -20.87
N GLU J 161 17.62 -0.35 -20.53
CA GLU J 161 17.21 0.80 -21.33
C GLU J 161 17.94 0.68 -22.68
N GLN J 162 19.21 0.30 -22.63
CA GLN J 162 20.03 0.14 -23.82
C GLN J 162 19.51 -1.02 -24.65
N PHE J 163 19.23 -2.14 -23.97
CA PHE J 163 18.73 -3.32 -24.63
C PHE J 163 17.39 -3.03 -25.33
N ALA J 164 16.57 -2.20 -24.69
CA ALA J 164 15.27 -1.84 -25.25
C ALA J 164 15.46 -1.03 -26.54
N LEU J 165 16.43 -0.13 -26.53
CA LEU J 165 16.75 0.71 -27.70
C LEU J 165 17.21 -0.17 -28.86
N LEU J 166 18.15 -1.07 -28.58
CA LEU J 166 18.68 -1.98 -29.60
C LEU J 166 17.52 -2.75 -30.24
N LEU J 167 16.80 -3.52 -29.42
CA LEU J 167 15.68 -4.32 -29.89
C LEU J 167 14.72 -3.55 -30.78
N ASN J 168 14.31 -2.36 -30.33
CA ASN J 168 13.40 -1.56 -31.13
C ASN J 168 14.08 -1.10 -32.41
N LYS J 169 15.38 -0.87 -32.34
CA LYS J 169 16.14 -0.43 -33.51
C LYS J 169 16.21 -1.55 -34.53
N ILE J 170 16.67 -2.72 -34.09
CA ILE J 170 16.78 -3.89 -34.95
C ILE J 170 15.43 -4.28 -35.55
N TRP J 171 14.37 -4.10 -34.78
CA TRP J 171 13.03 -4.43 -35.23
C TRP J 171 12.57 -3.42 -36.29
N ASP J 172 12.87 -2.15 -36.09
CA ASP J 172 12.48 -1.11 -37.03
C ASP J 172 13.11 -1.31 -38.41
N GLU J 173 14.38 -1.68 -38.43
CA GLU J 173 15.10 -1.90 -39.68
C GLU J 173 14.49 -3.04 -40.47
N GLN J 174 14.33 -4.20 -39.82
CA GLN J 174 13.78 -5.38 -40.45
C GLN J 174 12.31 -5.28 -40.84
N THR J 175 11.73 -4.09 -40.71
CA THR J 175 10.33 -3.89 -41.09
C THR J 175 10.08 -2.51 -41.70
N ASN J 176 11.15 -1.84 -42.11
CA ASN J 176 11.03 -0.52 -42.72
C ASN J 176 10.88 -0.65 -44.23
N VAL K 7 -42.83 -28.48 7.86
CA VAL K 7 -43.68 -29.34 8.73
C VAL K 7 -43.70 -30.78 8.23
N ILE K 8 -42.53 -31.30 7.87
CA ILE K 8 -42.42 -32.67 7.37
C ILE K 8 -41.76 -33.58 8.42
N ASP K 9 -42.22 -34.83 8.49
CA ASP K 9 -41.68 -35.78 9.45
C ASP K 9 -40.60 -36.70 8.87
N SER K 10 -40.24 -37.73 9.63
CA SER K 10 -39.20 -38.68 9.22
C SER K 10 -39.57 -39.60 8.06
N LEU K 11 -40.85 -39.69 7.72
CA LEU K 11 -41.26 -40.55 6.61
C LEU K 11 -41.18 -39.78 5.29
N GLN K 12 -41.51 -38.49 5.33
CA GLN K 12 -41.47 -37.66 4.14
C GLN K 12 -40.03 -37.44 3.68
N LEU K 13 -39.12 -37.35 4.64
CA LEU K 13 -37.71 -37.14 4.35
C LEU K 13 -37.19 -38.28 3.46
N ASN K 14 -37.49 -39.51 3.86
CA ASN K 14 -37.06 -40.67 3.08
C ASN K 14 -37.70 -40.63 1.69
N GLU K 15 -38.97 -40.27 1.64
CA GLU K 15 -39.70 -40.19 0.37
C GLU K 15 -38.92 -39.35 -0.63
N LEU K 16 -38.73 -38.09 -0.26
CA LEU K 16 -38.00 -37.13 -1.10
C LEU K 16 -36.64 -37.69 -1.54
N LEU K 17 -35.74 -37.89 -0.59
CA LEU K 17 -34.40 -38.40 -0.86
C LEU K 17 -34.34 -39.57 -1.83
N ASN K 18 -35.14 -40.59 -1.58
CA ASN K 18 -35.15 -41.78 -2.42
C ASN K 18 -35.62 -41.52 -3.85
N ALA K 19 -35.67 -40.25 -4.24
CA ALA K 19 -36.11 -39.89 -5.59
C ALA K 19 -34.96 -39.26 -6.37
N GLY K 20 -33.83 -39.07 -5.69
CA GLY K 20 -32.68 -38.46 -6.33
C GLY K 20 -32.70 -36.97 -6.07
N GLU K 21 -33.52 -36.25 -6.83
CA GLU K 21 -33.65 -34.82 -6.66
C GLU K 21 -34.86 -34.52 -5.79
N TYR K 22 -34.83 -33.37 -5.12
CA TYR K 22 -35.94 -32.95 -4.26
C TYR K 22 -35.79 -31.46 -3.98
N LYS K 23 -36.91 -30.79 -3.72
CA LYS K 23 -36.88 -29.37 -3.45
C LYS K 23 -37.21 -29.02 -2.01
N ILE K 24 -36.62 -27.91 -1.55
CA ILE K 24 -36.82 -27.38 -0.21
C ILE K 24 -36.62 -25.89 -0.38
N GLY K 25 -37.65 -25.12 -0.07
CA GLY K 25 -37.55 -23.69 -0.25
C GLY K 25 -37.56 -23.47 -1.75
N GLU K 26 -36.72 -22.55 -2.22
CA GLU K 26 -36.65 -22.25 -3.64
C GLU K 26 -35.44 -22.90 -4.32
N LEU K 27 -34.90 -23.96 -3.71
CA LEU K 27 -33.74 -24.63 -4.27
C LEU K 27 -33.95 -26.13 -4.41
N THR K 28 -33.39 -26.68 -5.49
CA THR K 28 -33.49 -28.11 -5.77
C THR K 28 -32.21 -28.78 -5.28
N PHE K 29 -32.36 -29.85 -4.50
CA PHE K 29 -31.20 -30.56 -3.98
C PHE K 29 -31.02 -31.95 -4.56
N GLN K 30 -29.78 -32.43 -4.50
CA GLN K 30 -29.40 -33.73 -4.98
C GLN K 30 -29.03 -34.52 -3.74
N SER K 31 -29.51 -35.75 -3.61
CA SER K 31 -29.18 -36.55 -2.44
C SER K 31 -27.71 -36.99 -2.46
N ILE K 32 -27.13 -37.24 -1.31
CA ILE K 32 -25.74 -37.66 -1.27
C ILE K 32 -25.53 -38.88 -2.15
N ARG K 33 -26.41 -39.87 -2.01
CA ARG K 33 -26.36 -41.11 -2.78
C ARG K 33 -26.31 -40.89 -4.29
N SER K 34 -27.29 -40.14 -4.81
CA SER K 34 -27.35 -39.87 -6.26
C SER K 34 -26.20 -39.00 -6.75
N SER K 35 -25.60 -38.23 -5.85
CA SER K 35 -24.47 -37.38 -6.24
C SER K 35 -23.27 -38.28 -6.57
N GLN K 36 -23.07 -39.30 -5.77
CA GLN K 36 -21.95 -40.20 -5.97
C GLN K 36 -22.11 -41.10 -7.20
N GLU K 37 -23.20 -40.90 -7.94
CA GLU K 37 -23.45 -41.67 -9.16
C GLU K 37 -22.41 -41.29 -10.22
N LEU K 38 -21.14 -41.46 -9.87
CA LEU K 38 -19.99 -41.15 -10.74
C LEU K 38 -20.32 -40.70 -12.17
N GLN K 39 -20.52 -39.40 -12.33
CA GLN K 39 -20.83 -38.82 -13.63
C GLN K 39 -19.63 -38.05 -14.20
N LYS K 40 -19.23 -38.41 -15.42
CA LYS K 40 -18.10 -37.77 -16.08
C LYS K 40 -18.36 -36.27 -16.25
N LYS K 41 -19.55 -35.93 -16.73
CA LYS K 41 -19.91 -34.53 -16.95
C LYS K 41 -20.10 -33.80 -15.63
N ASN K 42 -19.37 -32.69 -15.49
CA ASN K 42 -19.41 -31.86 -14.30
C ASN K 42 -20.69 -31.05 -14.18
N THR K 43 -21.59 -31.50 -13.31
CA THR K 43 -22.83 -30.77 -13.08
C THR K 43 -22.73 -30.03 -11.77
N ILE K 44 -23.46 -28.91 -11.68
CA ILE K 44 -23.50 -28.10 -10.48
C ILE K 44 -24.73 -28.43 -9.69
N VAL K 45 -24.55 -28.80 -8.43
CA VAL K 45 -25.69 -29.15 -7.59
C VAL K 45 -25.70 -28.37 -6.29
N ASN K 46 -26.71 -28.63 -5.52
CA ASN K 46 -26.91 -28.07 -4.19
C ASN K 46 -26.93 -29.29 -3.27
N LEU K 47 -26.45 -29.14 -2.05
CA LEU K 47 -26.45 -30.28 -1.18
C LEU K 47 -26.97 -29.86 0.18
N PHE K 48 -27.44 -30.84 0.94
CA PHE K 48 -27.97 -30.62 2.25
C PHE K 48 -27.73 -31.88 3.06
N GLY K 49 -26.88 -31.82 4.07
CA GLY K 49 -26.60 -33.02 4.81
C GLY K 49 -26.04 -32.73 6.17
N ILE K 50 -25.42 -33.74 6.75
CA ILE K 50 -24.83 -33.64 8.06
C ILE K 50 -23.33 -33.77 7.90
N VAL K 51 -22.59 -32.92 8.62
CA VAL K 51 -21.13 -33.00 8.58
C VAL K 51 -20.65 -34.26 9.29
N LYS K 52 -20.28 -35.26 8.50
CA LYS K 52 -19.80 -36.54 9.05
C LYS K 52 -18.36 -36.41 9.56
N ASP K 53 -17.59 -35.52 8.93
CA ASP K 53 -16.19 -35.29 9.30
C ASP K 53 -15.70 -34.07 8.53
N PHE K 54 -14.67 -33.40 9.04
CA PHE K 54 -14.17 -32.21 8.37
C PHE K 54 -12.74 -31.88 8.72
N THR K 55 -12.15 -31.04 7.88
CA THR K 55 -10.78 -30.58 8.08
C THR K 55 -10.90 -29.06 8.20
N PRO K 56 -10.23 -28.47 9.20
CA PRO K 56 -10.27 -27.02 9.41
C PRO K 56 -9.72 -26.22 8.23
N SER K 57 -10.07 -24.95 8.17
CA SER K 57 -9.61 -24.07 7.10
C SER K 57 -8.08 -23.92 7.11
N ARG K 58 -7.47 -24.17 5.96
CA ARG K 58 -6.02 -24.06 5.82
C ARG K 58 -5.78 -23.54 4.41
N GLN K 59 -4.73 -22.75 4.23
CA GLN K 59 -4.41 -22.22 2.92
C GLN K 59 -3.60 -23.24 2.15
N SER K 60 -3.91 -23.37 0.87
CA SER K 60 -3.22 -24.32 0.00
C SER K 60 -1.78 -23.86 -0.21
N LEU K 61 -0.86 -24.82 -0.25
CA LEU K 61 0.56 -24.53 -0.42
C LEU K 61 0.99 -24.49 -1.88
N HIS K 62 0.08 -24.82 -2.80
CA HIS K 62 0.41 -24.81 -4.22
C HIS K 62 -0.73 -24.26 -5.09
N GLY K 63 -0.56 -24.32 -6.41
CA GLY K 63 -1.58 -23.82 -7.29
C GLY K 63 -1.84 -22.36 -7.03
N THR K 64 -3.11 -21.97 -7.04
CA THR K 64 -3.48 -20.58 -6.79
C THR K 64 -3.53 -20.27 -5.30
N LYS K 65 -3.13 -21.26 -4.50
CA LYS K 65 -3.05 -21.14 -3.05
C LYS K 65 -4.30 -20.62 -2.34
N ASP K 66 -5.47 -21.13 -2.72
CA ASP K 66 -6.71 -20.68 -2.11
C ASP K 66 -6.98 -21.28 -0.73
N TRP K 67 -7.83 -20.62 0.04
CA TRP K 67 -8.18 -21.14 1.35
C TRP K 67 -9.11 -22.31 1.09
N VAL K 68 -8.90 -23.39 1.83
CA VAL K 68 -9.69 -24.59 1.64
C VAL K 68 -10.05 -25.34 2.91
N THR K 69 -11.34 -25.68 3.03
CA THR K 69 -11.82 -26.46 4.17
C THR K 69 -12.43 -27.70 3.52
N THR K 70 -12.34 -28.84 4.17
CA THR K 70 -12.89 -30.06 3.60
C THR K 70 -13.97 -30.69 4.48
N VAL K 71 -15.10 -31.00 3.87
CA VAL K 71 -16.17 -31.64 4.62
C VAL K 71 -16.65 -32.90 3.92
N TYR K 72 -17.12 -33.84 4.73
CA TYR K 72 -17.66 -35.09 4.22
C TYR K 72 -19.15 -35.06 4.60
N LEU K 73 -20.02 -35.02 3.59
CA LEU K 73 -21.46 -34.96 3.84
C LEU K 73 -22.16 -36.30 3.91
N TRP K 74 -23.07 -36.40 4.87
CA TRP K 74 -23.87 -37.60 5.09
C TRP K 74 -25.37 -37.30 5.12
N ASP K 75 -26.18 -38.22 4.62
CA ASP K 75 -27.62 -38.10 4.67
C ASP K 75 -28.19 -39.51 4.71
N PRO K 76 -29.50 -39.64 4.98
CA PRO K 76 -30.15 -40.95 5.06
C PRO K 76 -29.87 -41.96 3.94
N THR K 77 -29.72 -41.49 2.70
CA THR K 77 -29.46 -42.39 1.59
C THR K 77 -28.10 -43.08 1.65
N CYS K 78 -27.34 -42.81 2.70
CA CYS K 78 -26.02 -43.43 2.85
C CYS K 78 -26.06 -44.41 4.01
N ASP K 79 -25.03 -45.23 4.14
CA ASP K 79 -24.94 -46.18 5.25
C ASP K 79 -24.29 -45.43 6.42
N THR K 80 -24.88 -45.54 7.62
CA THR K 80 -24.35 -44.88 8.81
C THR K 80 -22.86 -45.20 8.96
N SER K 81 -22.38 -46.09 8.09
CA SER K 81 -20.99 -46.54 8.05
C SER K 81 -20.17 -45.69 7.07
N SER K 82 -20.66 -45.56 5.84
CA SER K 82 -19.98 -44.79 4.79
C SER K 82 -19.53 -43.43 5.30
N ILE K 83 -18.42 -42.93 4.77
CA ILE K 83 -17.89 -41.64 5.19
C ILE K 83 -18.69 -40.48 4.63
N GLY K 84 -19.32 -40.69 3.48
CA GLY K 84 -20.11 -39.64 2.87
C GLY K 84 -19.41 -39.01 1.68
N LEU K 85 -20.00 -37.96 1.15
CA LEU K 85 -19.42 -37.29 0.01
C LEU K 85 -18.31 -36.31 0.40
N GLN K 86 -17.18 -36.40 -0.29
CA GLN K 86 -16.07 -35.50 -0.02
C GLN K 86 -16.23 -34.20 -0.80
N ILE K 87 -16.23 -33.09 -0.07
CA ILE K 87 -16.37 -31.78 -0.69
C ILE K 87 -15.29 -30.82 -0.23
N HIS K 88 -14.58 -30.25 -1.20
CA HIS K 88 -13.53 -29.28 -0.93
C HIS K 88 -14.14 -27.91 -1.21
N LEU K 89 -14.17 -27.06 -0.19
CA LEU K 89 -14.72 -25.71 -0.34
C LEU K 89 -13.54 -24.74 -0.42
N PHE K 90 -13.44 -24.03 -1.55
CA PHE K 90 -12.35 -23.07 -1.74
C PHE K 90 -12.84 -21.64 -1.68
N SER K 91 -11.93 -20.75 -1.30
CA SER K 91 -12.25 -19.33 -1.27
C SER K 91 -11.03 -18.52 -1.73
N LYS K 92 -11.23 -17.77 -2.81
CA LYS K 92 -10.20 -16.92 -3.41
C LYS K 92 -10.24 -15.53 -2.76
N GLN K 93 -11.35 -15.23 -2.09
CA GLN K 93 -11.54 -13.95 -1.44
C GLN K 93 -11.30 -14.02 0.06
N GLY K 94 -10.25 -14.73 0.46
CA GLY K 94 -9.95 -14.86 1.88
C GLY K 94 -10.74 -15.94 2.61
N ASN K 95 -10.60 -16.00 3.93
CA ASN K 95 -11.32 -17.00 4.71
C ASN K 95 -12.70 -16.56 5.16
N ASP K 96 -13.70 -16.93 4.36
CA ASP K 96 -15.09 -16.65 4.63
C ASP K 96 -15.79 -18.00 4.50
N LEU K 97 -15.00 -19.05 4.72
CA LEU K 97 -15.47 -20.42 4.64
C LEU K 97 -16.25 -20.79 5.91
N PRO K 98 -17.02 -21.89 5.86
CA PRO K 98 -17.83 -22.34 7.00
C PRO K 98 -16.98 -22.63 8.24
N VAL K 99 -17.38 -22.09 9.37
CA VAL K 99 -16.64 -22.35 10.59
C VAL K 99 -17.36 -23.48 11.32
N ILE K 100 -16.90 -24.70 11.11
CA ILE K 100 -17.50 -25.88 11.73
C ILE K 100 -16.91 -26.29 13.09
N LYS K 101 -17.77 -26.43 14.10
CA LYS K 101 -17.31 -26.81 15.44
C LYS K 101 -17.26 -28.32 15.70
N GLN K 102 -18.28 -29.04 15.26
CA GLN K 102 -18.30 -30.48 15.50
C GLN K 102 -19.12 -31.31 14.54
N VAL K 103 -18.73 -32.57 14.40
CA VAL K 103 -19.44 -33.49 13.55
C VAL K 103 -20.90 -33.54 14.01
N GLY K 104 -21.81 -33.69 13.05
CA GLY K 104 -23.21 -33.76 13.42
C GLY K 104 -23.98 -32.54 12.96
N GLN K 105 -23.29 -31.43 12.73
CA GLN K 105 -23.95 -30.22 12.29
C GLN K 105 -24.47 -30.32 10.87
N PRO K 106 -25.71 -29.85 10.64
CA PRO K 106 -26.38 -29.84 9.34
C PRO K 106 -25.76 -28.76 8.48
N LEU K 107 -25.51 -29.05 7.21
CA LEU K 107 -24.91 -28.06 6.32
C LEU K 107 -25.59 -27.99 4.95
N LEU K 108 -25.94 -26.78 4.56
CA LEU K 108 -26.56 -26.54 3.28
C LEU K 108 -25.53 -25.86 2.37
N LEU K 109 -25.22 -26.50 1.24
CA LEU K 109 -24.27 -25.97 0.27
C LEU K 109 -24.92 -25.61 -1.06
N HIS K 110 -24.70 -24.38 -1.50
CA HIS K 110 -25.26 -23.91 -2.75
C HIS K 110 -24.16 -23.73 -3.82
N GLN K 111 -24.28 -24.47 -4.92
CA GLN K 111 -23.32 -24.39 -6.03
C GLN K 111 -22.04 -25.19 -5.83
N ILE K 112 -22.15 -26.51 -5.93
CA ILE K 112 -21.03 -27.41 -5.78
C ILE K 112 -20.84 -28.21 -7.07
N THR K 113 -19.64 -28.21 -7.62
CA THR K 113 -19.39 -28.97 -8.83
C THR K 113 -19.09 -30.42 -8.45
N LEU K 114 -19.77 -31.35 -9.10
CA LEU K 114 -19.57 -32.77 -8.86
C LEU K 114 -18.59 -33.27 -9.91
N ARG K 115 -17.58 -34.04 -9.50
CA ARG K 115 -16.60 -34.56 -10.45
C ARG K 115 -15.84 -35.78 -9.93
N SER K 116 -15.09 -36.43 -10.81
CA SER K 116 -14.34 -37.63 -10.43
C SER K 116 -12.86 -37.46 -10.06
N TYR K 117 -12.43 -38.21 -9.04
CA TYR K 117 -11.05 -38.20 -8.59
C TYR K 117 -10.71 -39.62 -8.17
N ARG K 118 -9.80 -40.25 -8.90
CA ARG K 118 -9.40 -41.62 -8.60
C ARG K 118 -10.65 -42.50 -8.57
N ASP K 119 -11.47 -42.36 -9.62
CA ASP K 119 -12.73 -43.09 -9.74
C ASP K 119 -13.48 -43.12 -8.42
N ARG K 120 -14.04 -41.97 -8.09
CA ARG K 120 -14.83 -41.73 -6.92
C ARG K 120 -15.38 -40.33 -7.10
N THR K 121 -16.60 -40.07 -6.69
CA THR K 121 -17.17 -38.74 -6.88
C THR K 121 -16.63 -37.80 -5.82
N GLN K 122 -16.43 -36.55 -6.21
CA GLN K 122 -15.88 -35.54 -5.30
C GLN K 122 -16.52 -34.17 -5.54
N GLY K 123 -16.71 -33.42 -4.47
CA GLY K 123 -17.32 -32.09 -4.58
C GLY K 123 -16.31 -30.94 -4.53
N LEU K 124 -16.45 -30.03 -5.48
CA LEU K 124 -15.61 -28.85 -5.62
C LEU K 124 -16.54 -27.64 -5.65
N SER K 125 -16.32 -26.70 -4.73
CA SER K 125 -17.16 -25.50 -4.65
C SER K 125 -16.94 -24.53 -5.81
N LYS K 126 -18.01 -23.85 -6.21
CA LYS K 126 -17.93 -22.85 -7.27
C LYS K 126 -17.39 -21.61 -6.56
N ASP K 127 -16.77 -20.68 -7.31
CA ASP K 127 -16.27 -19.46 -6.68
C ASP K 127 -17.34 -18.72 -5.86
N GLN K 128 -18.57 -18.70 -6.38
CA GLN K 128 -19.65 -17.99 -5.70
C GLN K 128 -20.53 -18.86 -4.80
N PHE K 129 -19.98 -19.93 -4.27
CA PHE K 129 -20.76 -20.80 -3.41
C PHE K 129 -21.20 -20.09 -2.14
N ARG K 130 -22.39 -20.45 -1.67
CA ARG K 130 -22.97 -19.91 -0.45
C ARG K 130 -23.34 -21.10 0.41
N TYR K 131 -23.66 -20.86 1.67
CA TYR K 131 -24.01 -21.97 2.55
C TYR K 131 -24.81 -21.53 3.77
N ALA K 132 -25.26 -22.52 4.54
CA ALA K 132 -26.02 -22.33 5.77
C ALA K 132 -25.60 -23.45 6.73
N LEU K 133 -25.37 -23.10 7.99
CA LEU K 133 -24.92 -24.06 9.00
C LEU K 133 -25.86 -24.04 10.20
N TRP K 134 -26.09 -25.19 10.80
CA TRP K 134 -26.96 -25.28 11.96
C TRP K 134 -26.28 -25.97 13.11
N PRO K 135 -26.71 -25.67 14.34
CA PRO K 135 -26.13 -26.27 15.54
C PRO K 135 -26.35 -27.78 15.57
N ASP K 136 -25.46 -28.50 16.24
CA ASP K 136 -25.65 -29.94 16.36
C ASP K 136 -26.71 -30.09 17.45
N PHE K 137 -27.97 -29.98 17.05
CA PHE K 137 -29.12 -30.08 17.96
C PHE K 137 -29.04 -31.17 19.03
N SER K 138 -28.66 -32.38 18.62
CA SER K 138 -28.57 -33.51 19.54
C SER K 138 -27.39 -33.45 20.50
N SER K 139 -26.94 -32.25 20.84
CA SER K 139 -25.81 -32.11 21.76
C SER K 139 -26.19 -31.51 23.10
N ASN K 140 -25.41 -31.83 24.13
CA ASN K 140 -25.64 -31.29 25.46
C ASN K 140 -25.17 -29.84 25.47
N SER K 141 -24.70 -29.38 24.31
CA SER K 141 -24.21 -28.01 24.17
C SER K 141 -25.23 -27.23 23.32
N LYS K 142 -25.34 -25.93 23.58
CA LYS K 142 -26.28 -25.06 22.87
C LYS K 142 -25.57 -24.01 22.05
N ASP K 143 -24.26 -23.89 22.25
CA ASP K 143 -23.45 -22.93 21.52
C ASP K 143 -22.58 -23.66 20.50
N THR K 144 -23.03 -24.85 20.09
CA THR K 144 -22.31 -25.66 19.12
C THR K 144 -22.07 -24.88 17.82
N LEU K 145 -22.93 -23.90 17.57
CA LEU K 145 -22.80 -23.07 16.38
C LEU K 145 -22.20 -21.71 16.74
N CYS K 146 -20.97 -21.46 16.28
CA CYS K 146 -20.29 -20.18 16.54
C CYS K 146 -20.59 -19.24 15.38
N PRO K 147 -20.44 -17.93 15.62
CA PRO K 147 -20.71 -16.93 14.57
C PRO K 147 -20.05 -17.26 13.24
N GLN K 148 -20.78 -17.06 12.16
CA GLN K 148 -20.29 -17.35 10.82
C GLN K 148 -19.96 -16.10 10.02
N PRO K 149 -18.99 -16.18 9.10
CA PRO K 149 -18.60 -15.04 8.27
C PRO K 149 -19.83 -14.71 7.42
N MET K 150 -20.06 -13.41 7.15
CA MET K 150 -21.28 -12.98 6.42
C MET K 150 -21.26 -13.21 4.91
N PRO K 151 -20.17 -12.87 4.22
CA PRO K 151 -20.04 -13.00 2.75
C PRO K 151 -20.81 -14.12 2.04
N ARG K 152 -20.60 -15.36 2.45
CA ARG K 152 -21.26 -16.49 1.80
C ARG K 152 -22.47 -17.03 2.55
N LEU K 153 -22.90 -16.34 3.60
CA LEU K 153 -24.04 -16.78 4.38
C LEU K 153 -25.39 -16.61 3.72
N MET K 154 -26.20 -17.66 3.75
CA MET K 154 -27.55 -17.65 3.19
C MET K 154 -28.57 -17.45 4.29
N LYS K 155 -29.62 -16.68 3.98
CA LYS K 155 -30.71 -16.45 4.93
C LYS K 155 -31.65 -17.61 4.69
N THR K 156 -32.03 -18.32 5.75
CA THR K 156 -32.91 -19.47 5.63
C THR K 156 -34.23 -19.32 6.40
N GLY K 157 -35.26 -20.04 5.94
CA GLY K 157 -36.57 -20.00 6.57
C GLY K 157 -36.84 -21.18 7.48
N ASP K 158 -38.11 -21.46 7.76
CA ASP K 158 -38.44 -22.58 8.63
C ASP K 158 -38.48 -23.90 7.86
N LYS K 159 -38.59 -23.81 6.54
CA LYS K 159 -38.61 -25.00 5.71
C LYS K 159 -37.30 -25.76 5.88
N GLU K 160 -36.17 -25.08 5.66
CA GLU K 160 -34.86 -25.71 5.80
C GLU K 160 -34.51 -25.96 7.27
N GLU K 161 -35.11 -25.19 8.16
CA GLU K 161 -34.90 -25.35 9.60
C GLU K 161 -35.47 -26.71 10.01
N GLN K 162 -36.63 -27.05 9.45
CA GLN K 162 -37.28 -28.32 9.74
C GLN K 162 -36.43 -29.46 9.18
N PHE K 163 -35.97 -29.29 7.94
CA PHE K 163 -35.15 -30.31 7.28
C PHE K 163 -33.84 -30.53 8.05
N ALA K 164 -33.27 -29.46 8.58
CA ALA K 164 -32.02 -29.53 9.34
C ALA K 164 -32.25 -30.32 10.62
N LEU K 165 -33.38 -30.07 11.27
CA LEU K 165 -33.74 -30.78 12.49
C LEU K 165 -33.86 -32.28 12.19
N LEU K 166 -34.71 -32.62 11.21
CA LEU K 166 -34.91 -34.02 10.84
C LEU K 166 -33.57 -34.71 10.63
N LEU K 167 -32.79 -34.22 9.66
CA LEU K 167 -31.48 -34.79 9.34
C LEU K 167 -30.67 -35.06 10.59
N ASN K 168 -30.52 -34.05 11.44
CA ASN K 168 -29.74 -34.19 12.67
C ASN K 168 -30.35 -35.25 13.57
N LYS K 169 -31.68 -35.34 13.57
CA LYS K 169 -32.37 -36.32 14.38
C LYS K 169 -32.07 -37.73 13.87
N ILE K 170 -32.30 -37.95 12.57
CA ILE K 170 -32.05 -39.25 11.96
C ILE K 170 -30.59 -39.65 12.08
N TRP K 171 -29.70 -38.67 12.03
CA TRP K 171 -28.27 -38.94 12.13
C TRP K 171 -27.93 -39.37 13.56
N ASP K 172 -28.52 -38.68 14.52
CA ASP K 172 -28.29 -38.97 15.94
C ASP K 172 -28.73 -40.39 16.33
N GLU K 173 -29.87 -40.81 15.80
CA GLU K 173 -30.39 -42.14 16.11
C GLU K 173 -29.46 -43.20 15.57
N GLN K 174 -29.15 -43.12 14.27
CA GLN K 174 -28.27 -44.08 13.63
C GLN K 174 -26.83 -44.11 14.14
N THR K 175 -26.54 -43.37 15.21
CA THR K 175 -25.20 -43.35 15.78
C THR K 175 -25.19 -43.20 17.30
N ASN K 176 -26.33 -43.51 17.94
CA ASN K 176 -26.45 -43.42 19.39
C ASN K 176 -26.15 -44.77 20.04
N VAL L 7 -26.87 15.22 -33.01
CA VAL L 7 -26.87 16.04 -34.24
C VAL L 7 -27.26 17.48 -33.92
N ILE L 8 -26.71 18.02 -32.83
CA ILE L 8 -27.01 19.39 -32.43
C ILE L 8 -25.83 20.32 -32.73
N ASP L 9 -26.14 21.56 -33.10
CA ASP L 9 -25.11 22.55 -33.43
C ASP L 9 -24.79 23.49 -32.27
N SER L 10 -24.03 24.53 -32.59
CA SER L 10 -23.59 25.51 -31.59
C SER L 10 -24.69 26.41 -31.02
N LEU L 11 -25.86 26.45 -31.67
CA LEU L 11 -26.96 27.27 -31.18
C LEU L 11 -27.80 26.51 -30.15
N GLN L 12 -28.00 25.21 -30.40
CA GLN L 12 -28.76 24.36 -29.50
C GLN L 12 -28.04 24.17 -28.17
N LEU L 13 -26.72 24.12 -28.23
CA LEU L 13 -25.91 23.95 -27.04
C LEU L 13 -26.18 25.08 -26.05
N ASN L 14 -26.14 26.32 -26.54
CA ASN L 14 -26.40 27.47 -25.69
C ASN L 14 -27.82 27.41 -25.14
N GLU L 15 -28.76 26.99 -25.98
CA GLU L 15 -30.17 26.88 -25.58
C GLU L 15 -30.25 26.04 -24.31
N LEU L 16 -29.84 24.79 -24.43
CA LEU L 16 -29.86 23.84 -23.33
C LEU L 16 -29.21 24.43 -22.07
N LEU L 17 -27.90 24.67 -22.14
CA LEU L 17 -27.14 25.21 -21.02
C LEU L 17 -27.80 26.38 -20.31
N ASN L 18 -28.27 27.36 -21.07
CA ASN L 18 -28.91 28.54 -20.50
C ASN L 18 -30.24 28.24 -19.83
N ALA L 19 -30.49 26.96 -19.55
CA ALA L 19 -31.72 26.56 -18.90
C ALA L 19 -31.41 25.93 -17.54
N GLY L 20 -30.13 25.80 -17.24
CA GLY L 20 -29.71 25.22 -15.97
C GLY L 20 -29.50 23.73 -16.14
N GLU L 21 -30.58 22.98 -16.11
CA GLU L 21 -30.53 21.54 -16.28
C GLU L 21 -30.78 21.21 -17.73
N TYR L 22 -30.28 20.06 -18.17
CA TYR L 22 -30.47 19.63 -19.55
C TYR L 22 -30.09 18.17 -19.65
N LYS L 23 -30.69 17.48 -20.60
CA LYS L 23 -30.43 16.06 -20.78
C LYS L 23 -29.67 15.76 -22.07
N ILE L 24 -28.89 14.69 -21.99
CA ILE L 24 -28.07 14.17 -23.10
C ILE L 24 -27.94 12.68 -22.89
N GLY L 25 -28.59 11.87 -23.74
CA GLY L 25 -28.61 10.44 -23.55
C GLY L 25 -29.66 10.19 -22.49
N GLU L 26 -29.35 9.34 -21.52
CA GLU L 26 -30.31 9.03 -20.45
C GLU L 26 -29.97 9.74 -19.14
N LEU L 27 -29.09 10.73 -19.19
CA LEU L 27 -28.67 11.46 -17.99
C LEU L 27 -28.95 12.95 -18.03
N THR L 28 -29.32 13.47 -16.87
CA THR L 28 -29.60 14.90 -16.73
C THR L 28 -28.35 15.59 -16.22
N PHE L 29 -27.96 16.67 -16.89
CA PHE L 29 -26.77 17.41 -16.49
C PHE L 29 -27.06 18.79 -15.95
N GLN L 30 -26.13 19.29 -15.15
CA GLN L 30 -26.24 20.60 -14.55
C GLN L 30 -25.14 21.42 -15.21
N SER L 31 -25.47 22.63 -15.65
CA SER L 31 -24.46 23.47 -16.30
C SER L 31 -23.49 23.94 -15.23
N ILE L 32 -22.26 24.22 -15.62
CA ILE L 32 -21.26 24.68 -14.67
C ILE L 32 -21.77 25.91 -13.91
N ARG L 33 -22.36 26.85 -14.65
CA ARG L 33 -22.88 28.08 -14.07
C ARG L 33 -23.89 27.87 -12.95
N SER L 34 -24.92 27.08 -13.24
CA SER L 34 -25.96 26.82 -12.25
C SER L 34 -25.48 25.98 -11.08
N SER L 35 -24.39 25.23 -11.30
CA SER L 35 -23.84 24.41 -10.22
C SER L 35 -23.26 25.30 -9.15
N GLN L 36 -22.50 26.30 -9.59
CA GLN L 36 -21.85 27.24 -8.68
C GLN L 36 -22.85 28.12 -7.97
N GLU L 37 -24.14 27.83 -8.12
CA GLU L 37 -25.18 28.61 -7.46
C GLU L 37 -25.17 28.29 -5.97
N LEU L 38 -24.00 28.48 -5.35
CA LEU L 38 -23.76 28.23 -3.93
C LEU L 38 -25.00 27.77 -3.15
N GLN L 39 -25.17 26.44 -3.10
CA GLN L 39 -26.29 25.83 -2.39
C GLN L 39 -25.83 25.08 -1.13
N LYS L 40 -26.40 25.45 0.01
CA LYS L 40 -26.06 24.85 1.30
C LYS L 40 -26.31 23.35 1.28
N LYS L 41 -27.47 22.96 0.73
CA LYS L 41 -27.83 21.55 0.66
C LYS L 41 -27.02 20.82 -0.42
N ASN L 42 -26.39 19.74 0.00
CA ASN L 42 -25.56 18.91 -0.86
C ASN L 42 -26.38 18.03 -1.79
N THR L 43 -26.45 18.43 -3.05
CA THR L 43 -27.17 17.67 -4.05
C THR L 43 -26.16 16.92 -4.92
N ILE L 44 -26.61 15.85 -5.57
CA ILE L 44 -25.76 15.05 -6.43
C ILE L 44 -26.10 15.31 -7.89
N VAL L 45 -25.11 15.73 -8.68
CA VAL L 45 -25.36 16.03 -10.08
C VAL L 45 -24.40 15.33 -11.00
N ASN L 46 -24.61 15.57 -12.29
CA ASN L 46 -23.77 15.03 -13.34
C ASN L 46 -23.22 16.26 -14.05
N LEU L 47 -21.97 16.21 -14.48
CA LEU L 47 -21.38 17.35 -15.16
C LEU L 47 -20.81 16.93 -16.51
N PHE L 48 -20.64 17.92 -17.39
CA PHE L 48 -20.10 17.65 -18.71
C PHE L 48 -19.48 18.97 -19.17
N GLY L 49 -18.15 19.01 -19.20
CA GLY L 49 -17.47 20.22 -19.62
C GLY L 49 -16.09 19.95 -20.16
N ILE L 50 -15.28 21.00 -20.21
CA ILE L 50 -13.92 20.91 -20.72
C ILE L 50 -12.94 21.05 -19.56
N VAL L 51 -11.93 20.22 -19.53
CA VAL L 51 -10.93 20.28 -18.46
C VAL L 51 -10.10 21.55 -18.63
N LYS L 52 -10.45 22.58 -17.87
CA LYS L 52 -9.76 23.87 -17.93
C LYS L 52 -8.37 23.81 -17.29
N ASP L 53 -8.23 22.93 -16.30
CA ASP L 53 -6.96 22.77 -15.59
C ASP L 53 -7.09 21.57 -14.66
N PHE L 54 -5.97 20.91 -14.37
CA PHE L 54 -6.04 19.74 -13.51
C PHE L 54 -4.75 19.47 -12.75
N THR L 55 -4.88 18.59 -11.75
CA THR L 55 -3.78 18.17 -10.90
C THR L 55 -3.68 16.65 -11.05
N PRO L 56 -2.47 16.12 -11.33
CA PRO L 56 -2.30 14.67 -11.49
C PRO L 56 -2.73 13.85 -10.27
N SER L 57 -2.98 12.57 -10.47
CA SER L 57 -3.39 11.70 -9.39
C SER L 57 -2.32 11.56 -8.30
N ARG L 58 -2.66 11.91 -7.08
CA ARG L 58 -1.74 11.82 -5.95
C ARG L 58 -2.53 11.25 -4.77
N GLN L 59 -1.88 10.45 -3.95
CA GLN L 59 -2.55 9.87 -2.79
C GLN L 59 -2.50 10.88 -1.66
N SER L 60 -3.62 11.04 -0.96
CA SER L 60 -3.69 11.97 0.14
C SER L 60 -2.69 11.60 1.24
N LEU L 61 -2.24 12.59 1.98
CA LEU L 61 -1.29 12.35 3.05
C LEU L 61 -1.99 12.27 4.39
N HIS L 62 -3.26 12.62 4.43
CA HIS L 62 -4.00 12.56 5.67
C HIS L 62 -5.37 11.92 5.51
N GLY L 63 -6.16 11.96 6.59
CA GLY L 63 -7.47 11.37 6.58
C GLY L 63 -7.39 9.92 6.16
N THR L 64 -8.38 9.49 5.40
CA THR L 64 -8.42 8.12 4.92
C THR L 64 -7.38 7.89 3.84
N LYS L 65 -6.64 8.93 3.50
CA LYS L 65 -5.57 8.85 2.49
C LYS L 65 -5.96 8.27 1.13
N ASP L 66 -7.07 8.73 0.56
CA ASP L 66 -7.50 8.21 -0.72
C ASP L 66 -6.80 8.86 -1.92
N TRP L 67 -6.80 8.16 -3.04
CA TRP L 67 -6.24 8.72 -4.26
C TRP L 67 -7.10 9.93 -4.63
N VAL L 68 -6.45 10.94 -5.16
CA VAL L 68 -7.20 12.14 -5.53
C VAL L 68 -6.59 12.89 -6.71
N THR L 69 -7.46 13.32 -7.62
CA THR L 69 -7.06 14.08 -8.79
C THR L 69 -8.05 15.24 -8.81
N THR L 70 -7.57 16.44 -9.10
CA THR L 70 -8.44 17.59 -9.14
C THR L 70 -8.57 18.12 -10.55
N VAL L 71 -9.78 18.55 -10.91
CA VAL L 71 -10.02 19.13 -12.23
C VAL L 71 -10.90 20.36 -12.12
N TYR L 72 -10.76 21.28 -13.05
CA TYR L 72 -11.55 22.49 -13.05
C TYR L 72 -12.38 22.47 -14.33
N LEU L 73 -13.68 22.28 -14.19
CA LEU L 73 -14.56 22.22 -15.36
C LEU L 73 -15.06 23.55 -15.86
N TRP L 74 -15.05 23.66 -17.19
CA TRP L 74 -15.49 24.85 -17.88
C TRP L 74 -16.50 24.46 -18.96
N ASP L 75 -17.43 25.36 -19.24
CA ASP L 75 -18.43 25.18 -20.30
C ASP L 75 -18.88 26.58 -20.69
N PRO L 76 -19.60 26.71 -21.82
CA PRO L 76 -20.09 28.00 -22.33
C PRO L 76 -20.69 29.00 -21.32
N THR L 77 -21.43 28.50 -20.34
CA THR L 77 -22.05 29.39 -19.36
C THR L 77 -21.02 30.08 -18.45
N CYS L 78 -19.75 29.92 -18.76
CA CYS L 78 -18.68 30.54 -17.98
C CYS L 78 -17.90 31.50 -18.86
N ASP L 79 -17.15 32.39 -18.23
CA ASP L 79 -16.34 33.35 -18.96
C ASP L 79 -15.05 32.63 -19.33
N THR L 80 -14.63 32.75 -20.57
CA THR L 80 -13.40 32.11 -21.04
C THR L 80 -12.24 32.47 -20.12
N SER L 81 -12.52 33.32 -19.13
CA SER L 81 -11.52 33.75 -18.17
C SER L 81 -11.63 32.97 -16.87
N SER L 82 -12.86 32.79 -16.38
CA SER L 82 -13.09 32.04 -15.15
C SER L 82 -12.34 30.71 -15.20
N ILE L 83 -11.87 30.24 -14.05
CA ILE L 83 -11.13 28.98 -14.00
C ILE L 83 -12.09 27.80 -14.15
N GLY L 84 -13.33 28.00 -13.70
CA GLY L 84 -14.34 26.96 -13.77
C GLY L 84 -14.70 26.38 -12.41
N LEU L 85 -15.44 25.28 -12.42
CA LEU L 85 -15.84 24.61 -11.19
C LEU L 85 -14.75 23.66 -10.71
N GLN L 86 -14.35 23.80 -9.45
CA GLN L 86 -13.34 22.95 -8.86
C GLN L 86 -13.97 21.63 -8.41
N ILE L 87 -13.43 20.51 -8.88
CA ILE L 87 -13.94 19.18 -8.51
C ILE L 87 -12.83 18.26 -8.07
N HIS L 88 -12.95 17.70 -6.86
CA HIS L 88 -11.98 16.74 -6.33
C HIS L 88 -12.54 15.31 -6.50
N LEU L 89 -11.86 14.52 -7.32
CA LEU L 89 -12.25 13.13 -7.58
C LEU L 89 -11.42 12.23 -6.66
N PHE L 90 -12.10 11.42 -5.85
CA PHE L 90 -11.42 10.51 -4.94
C PHE L 90 -11.63 9.05 -5.25
N SER L 91 -10.73 8.20 -4.77
CA SER L 91 -10.88 6.78 -5.01
C SER L 91 -10.34 5.98 -3.85
N LYS L 92 -11.22 5.18 -3.26
CA LYS L 92 -10.88 4.31 -2.13
C LYS L 92 -10.48 2.94 -2.63
N GLN L 93 -10.75 2.68 -3.91
CA GLN L 93 -10.40 1.41 -4.52
C GLN L 93 -9.17 1.52 -5.41
N GLY L 94 -8.18 2.29 -4.97
CA GLY L 94 -6.97 2.43 -5.76
C GLY L 94 -7.05 3.54 -6.80
N ASN L 95 -6.08 3.58 -7.71
CA ASN L 95 -6.07 4.61 -8.74
C ASN L 95 -6.71 4.24 -10.08
N ASP L 96 -8.02 4.39 -10.13
CA ASP L 96 -8.80 4.11 -11.33
C ASP L 96 -9.45 5.43 -11.74
N LEU L 97 -8.77 6.53 -11.39
CA LEU L 97 -9.24 7.88 -11.70
C LEU L 97 -8.94 8.25 -13.14
N PRO L 98 -9.49 9.37 -13.60
CA PRO L 98 -9.27 9.84 -14.97
C PRO L 98 -7.81 10.17 -15.27
N VAL L 99 -7.28 9.61 -16.36
CA VAL L 99 -5.91 9.89 -16.75
C VAL L 99 -6.01 10.99 -17.80
N ILE L 100 -5.83 12.23 -17.36
CA ILE L 100 -5.92 13.39 -18.24
C ILE L 100 -4.55 13.81 -18.75
N LYS L 101 -4.42 13.93 -20.06
CA LYS L 101 -3.17 14.30 -20.68
C LYS L 101 -2.95 15.81 -20.85
N GLN L 102 -4.00 16.53 -21.24
CA GLN L 102 -3.87 17.97 -21.45
C GLN L 102 -5.18 18.75 -21.31
N VAL L 103 -5.03 20.05 -21.04
CA VAL L 103 -6.17 20.93 -20.90
C VAL L 103 -6.92 20.89 -22.22
N GLY L 104 -8.24 21.07 -22.17
CA GLY L 104 -9.02 21.07 -23.38
C GLY L 104 -9.89 19.84 -23.56
N GLN L 105 -9.48 18.72 -22.96
CA GLN L 105 -10.25 17.49 -23.10
C GLN L 105 -11.63 17.58 -22.46
N PRO L 106 -12.65 17.05 -23.15
CA PRO L 106 -14.03 17.07 -22.67
C PRO L 106 -14.15 15.96 -21.60
N LEU L 107 -14.80 16.26 -20.49
CA LEU L 107 -14.95 15.29 -19.41
C LEU L 107 -16.39 15.18 -18.88
N LEU L 108 -16.92 13.96 -18.89
CA LEU L 108 -18.28 13.74 -18.40
C LEU L 108 -18.19 13.06 -17.02
N LEU L 109 -18.75 13.72 -16.01
CA LEU L 109 -18.74 13.20 -14.64
C LEU L 109 -20.12 12.82 -14.12
N HIS L 110 -20.24 11.56 -13.69
CA HIS L 110 -21.49 11.04 -13.16
C HIS L 110 -21.43 10.80 -11.66
N GLN L 111 -22.24 11.55 -10.92
CA GLN L 111 -22.33 11.45 -9.47
C GLN L 111 -21.28 12.31 -8.73
N ILE L 112 -21.59 13.59 -8.63
CA ILE L 112 -20.71 14.55 -7.97
C ILE L 112 -21.53 15.34 -6.95
N THR L 113 -21.02 15.42 -5.73
CA THR L 113 -21.70 16.16 -4.67
C THR L 113 -21.23 17.62 -4.71
N LEU L 114 -22.19 18.52 -4.80
CA LEU L 114 -21.88 19.94 -4.84
C LEU L 114 -21.91 20.40 -3.40
N ARG L 115 -20.94 21.20 -3.00
CA ARG L 115 -20.92 21.72 -1.64
C ARG L 115 -20.09 22.99 -1.53
N SER L 116 -20.12 23.64 -0.37
CA SER L 116 -19.38 24.87 -0.16
C SER L 116 -18.08 24.73 0.60
N TYR L 117 -17.08 25.50 0.17
CA TYR L 117 -15.77 25.55 0.80
C TYR L 117 -15.32 27.00 0.71
N ARG L 118 -15.12 27.63 1.87
CA ARG L 118 -14.72 29.03 1.92
C ARG L 118 -15.62 29.82 1.00
N ASP L 119 -16.92 29.64 1.20
CA ASP L 119 -17.95 30.31 0.42
C ASP L 119 -17.62 30.32 -1.07
N ARG L 120 -17.63 29.14 -1.66
CA ARG L 120 -17.36 28.93 -3.06
C ARG L 120 -17.85 27.54 -3.34
N THR L 121 -18.48 27.33 -4.50
CA THR L 121 -19.01 26.02 -4.81
C THR L 121 -17.90 25.08 -5.20
N GLN L 122 -17.98 23.86 -4.67
CA GLN L 122 -16.98 22.83 -4.92
C GLN L 122 -17.63 21.48 -5.20
N GLY L 123 -16.93 20.64 -5.95
CA GLY L 123 -17.43 19.33 -6.29
C GLY L 123 -16.62 18.21 -5.68
N LEU L 124 -17.29 17.32 -4.95
CA LEU L 124 -16.69 16.14 -4.32
C LEU L 124 -17.32 14.91 -4.97
N SER L 125 -16.51 13.99 -5.45
CA SER L 125 -17.03 12.79 -6.12
C SER L 125 -17.63 11.78 -5.15
N LYS L 126 -18.71 11.10 -5.55
CA LYS L 126 -19.30 10.06 -4.73
C LYS L 126 -18.38 8.87 -4.91
N ASP L 127 -18.37 7.97 -3.94
CA ASP L 127 -17.53 6.77 -4.02
C ASP L 127 -17.66 6.04 -5.35
N GLN L 128 -18.88 5.92 -5.85
CA GLN L 128 -19.15 5.19 -7.08
C GLN L 128 -19.25 6.05 -8.34
N PHE L 129 -18.58 7.20 -8.34
CA PHE L 129 -18.64 8.07 -9.51
C PHE L 129 -18.06 7.36 -10.73
N ARG L 130 -18.59 7.70 -11.90
CA ARG L 130 -18.14 7.12 -13.17
C ARG L 130 -17.85 8.31 -14.09
N TYR L 131 -17.14 8.09 -15.18
CA TYR L 131 -16.80 9.20 -16.06
C TYR L 131 -16.48 8.77 -17.49
N ALA L 132 -16.32 9.77 -18.35
CA ALA L 132 -16.00 9.56 -19.75
C ALA L 132 -15.03 10.66 -20.16
N LEU L 133 -13.96 10.29 -20.84
CA LEU L 133 -12.96 11.27 -21.27
C LEU L 133 -12.79 11.25 -22.80
N TRP L 134 -12.70 12.43 -23.41
CA TRP L 134 -12.53 12.53 -24.85
C TRP L 134 -11.21 13.19 -25.19
N PRO L 135 -10.73 12.99 -26.43
CA PRO L 135 -9.46 13.59 -26.85
C PRO L 135 -9.67 15.09 -27.05
N ASP L 136 -8.58 15.85 -27.01
CA ASP L 136 -8.68 17.28 -27.23
C ASP L 136 -8.67 17.47 -28.75
N PHE L 137 -9.84 17.24 -29.35
CA PHE L 137 -10.03 17.34 -30.80
C PHE L 137 -9.27 18.47 -31.51
N SER L 138 -9.30 19.67 -30.95
CA SER L 138 -8.63 20.82 -31.55
C SER L 138 -7.12 20.80 -31.40
N SER L 139 -6.52 19.61 -31.38
CA SER L 139 -5.07 19.52 -31.25
C SER L 139 -4.39 18.89 -32.45
N ASN L 140 -3.14 19.28 -32.69
CA ASN L 140 -2.36 18.75 -33.80
C ASN L 140 -2.03 17.28 -33.53
N SER L 141 -2.31 16.84 -32.31
CA SER L 141 -2.06 15.46 -31.90
C SER L 141 -3.36 14.66 -31.96
N LYS L 142 -3.25 13.37 -32.23
CA LYS L 142 -4.44 12.52 -32.30
C LYS L 142 -4.45 11.45 -31.23
N ASP L 143 -3.40 11.42 -30.42
CA ASP L 143 -3.31 10.45 -29.33
C ASP L 143 -3.39 11.17 -28.00
N THR L 144 -4.01 12.35 -28.02
CA THR L 144 -4.18 13.16 -26.81
C THR L 144 -4.89 12.35 -25.74
N LEU L 145 -5.69 11.37 -26.16
CA LEU L 145 -6.40 10.52 -25.21
C LEU L 145 -5.68 9.20 -25.06
N CYS L 146 -5.14 8.95 -23.87
CA CYS L 146 -4.44 7.71 -23.56
C CYS L 146 -5.46 6.74 -22.96
N PRO L 147 -5.17 5.43 -23.02
CA PRO L 147 -6.07 4.40 -22.46
C PRO L 147 -6.48 4.69 -21.02
N GLN L 148 -7.76 4.46 -20.72
CA GLN L 148 -8.31 4.73 -19.38
C GLN L 148 -8.60 3.47 -18.54
N PRO L 149 -8.50 3.60 -17.21
CA PRO L 149 -8.76 2.45 -16.33
C PRO L 149 -10.23 2.07 -16.56
N MET L 150 -10.52 0.78 -16.58
CA MET L 150 -11.89 0.31 -16.84
C MET L 150 -12.96 0.50 -15.75
N PRO L 151 -12.64 0.18 -14.49
CA PRO L 151 -13.58 0.30 -13.36
C PRO L 151 -14.68 1.37 -13.40
N ARG L 152 -14.28 2.64 -13.55
CA ARG L 152 -15.25 3.72 -13.58
C ARG L 152 -15.60 4.23 -14.97
N LEU L 153 -15.07 3.60 -16.00
CA LEU L 153 -15.34 4.03 -17.37
C LEU L 153 -16.78 3.79 -17.81
N MET L 154 -17.36 4.78 -18.47
CA MET L 154 -18.74 4.71 -18.97
C MET L 154 -18.74 4.49 -20.47
N LYS L 155 -19.70 3.73 -20.98
CA LYS L 155 -19.81 3.49 -22.41
C LYS L 155 -20.69 4.62 -22.94
N THR L 156 -20.20 5.34 -23.94
CA THR L 156 -20.96 6.46 -24.49
C THR L 156 -21.35 6.29 -25.94
N GLY L 157 -22.41 6.99 -26.34
CA GLY L 157 -22.88 6.92 -27.71
C GLY L 157 -22.49 8.13 -28.52
N ASP L 158 -23.18 8.33 -29.64
CA ASP L 158 -22.90 9.47 -30.52
C ASP L 158 -23.53 10.74 -29.96
N LYS L 159 -24.55 10.59 -29.11
CA LYS L 159 -25.21 11.73 -28.52
C LYS L 159 -24.19 12.58 -27.75
N GLU L 160 -23.50 11.96 -26.80
CA GLU L 160 -22.49 12.65 -26.00
C GLU L 160 -21.22 12.91 -26.80
N GLU L 161 -21.03 12.15 -27.86
CA GLU L 161 -19.86 12.31 -28.73
C GLU L 161 -20.00 13.66 -29.43
N GLN L 162 -21.22 13.99 -29.84
CA GLN L 162 -21.52 15.24 -30.51
C GLN L 162 -21.35 16.41 -29.54
N PHE L 163 -21.88 16.24 -28.33
CA PHE L 163 -21.79 17.27 -27.31
C PHE L 163 -20.32 17.54 -26.98
N ALA L 164 -19.53 16.48 -26.93
CA ALA L 164 -18.10 16.59 -26.62
C ALA L 164 -17.42 17.41 -27.71
N LEU L 165 -17.76 17.14 -28.96
CA LEU L 165 -17.18 17.86 -30.09
C LEU L 165 -17.52 19.34 -29.98
N LEU L 166 -18.81 19.64 -29.85
CA LEU L 166 -19.27 21.02 -29.72
C LEU L 166 -18.47 21.75 -28.64
N LEU L 167 -18.55 21.22 -27.42
CA LEU L 167 -17.85 21.82 -26.29
C LEU L 167 -16.40 22.13 -26.59
N ASN L 168 -15.68 21.15 -27.12
CA ASN L 168 -14.27 21.34 -27.45
C ASN L 168 -14.09 22.38 -28.55
N LYS L 169 -15.07 22.46 -29.45
CA LYS L 169 -15.03 23.43 -30.53
C LYS L 169 -15.20 24.83 -29.95
N ILE L 170 -16.31 25.03 -29.24
CA ILE L 170 -16.60 26.32 -28.64
C ILE L 170 -15.46 26.77 -27.73
N TRP L 171 -14.84 25.82 -27.04
CA TRP L 171 -13.75 26.13 -26.14
C TRP L 171 -12.53 26.61 -26.92
N ASP L 172 -12.22 25.91 -28.01
CA ASP L 172 -11.09 26.23 -28.86
C ASP L 172 -11.17 27.65 -29.43
N GLU L 173 -12.35 28.03 -29.91
CA GLU L 173 -12.57 29.35 -30.48
C GLU L 173 -12.33 30.47 -29.46
N GLN L 174 -12.97 30.35 -28.31
CA GLN L 174 -12.84 31.35 -27.24
C GLN L 174 -11.46 31.43 -26.59
N THR L 175 -10.49 30.70 -27.15
CA THR L 175 -9.14 30.72 -26.60
C THR L 175 -8.08 30.59 -27.69
N ASN L 176 -8.47 30.89 -28.93
CA ASN L 176 -7.55 30.81 -30.06
C ASN L 176 -6.91 32.17 -30.32
#